data_2ADM
#
_entry.id   2ADM
#
_cell.length_a   130.660
_cell.length_b   141.830
_cell.length_c   53.150
_cell.angle_alpha   90.00
_cell.angle_beta   90.00
_cell.angle_gamma   90.00
#
_symmetry.space_group_name_H-M   'P 21 21 2'
#
loop_
_entity.id
_entity.type
_entity.pdbx_description
1 polymer 'ADENINE-N6-DNA-METHYLTRANSFERASE TAQI'
2 non-polymer S-ADENOSYLMETHIONINE
3 water water
#
_entity_poly.entity_id   1
_entity_poly.type   'polypeptide(L)'
_entity_poly.pdbx_seq_one_letter_code
;MGLPPLLSLPSNSAPRSLGRVETPPEVVDFMVSLAEAPRGGRVLEPACAHGPFLRAFREAHGTGYRFVGVEIDPKALDLP
PWAEGILADFLLWEPGEAFDLILGNPPYGIVGEASKYPIHVFKAVKDLYKKAFSTWKGKYNLYGAFLEKAVRLLKPGGVL
VFVVPATWLVLEDFALLREFLAREGKTSVYYLGEVFPQKKVSAVVIRFQKSGKGLSLWDTQESESGFTPILWAEYPHWEG
EIIRFETEETRKLEISGMPLGDLFHIRFAARSPEFKKHPAVRKEPGPGLVPVLTGRNLKPGWVDYEKNHSGLWMPKERAK
ELRDFYATPHLVVAHTKGTRVVAAWDERAYPWREEFHLLPKEGVRLDPSTLVQWLNSEAMQKHVRTLYRDFVPHLTLRML
ERLPVRREYGFHTSPESARNF
;
_entity_poly.pdbx_strand_id   A,B
#
# COMPACT_ATOMS: atom_id res chain seq x y z
N VAL A 21 19.58 5.67 4.35
CA VAL A 21 19.54 4.75 5.53
C VAL A 21 18.50 5.19 6.56
N GLU A 22 18.57 4.58 7.75
CA GLU A 22 17.65 4.86 8.84
C GLU A 22 16.25 4.61 8.31
N THR A 23 15.91 3.34 8.16
CA THR A 23 14.60 2.97 7.66
C THR A 23 13.54 3.49 8.61
N PRO A 24 12.70 4.42 8.14
CA PRO A 24 11.65 4.95 9.02
C PRO A 24 10.81 3.80 9.57
N PRO A 25 10.35 3.92 10.83
CA PRO A 25 9.53 2.92 11.53
C PRO A 25 8.34 2.41 10.74
N GLU A 26 7.53 3.32 10.20
CA GLU A 26 6.35 2.91 9.43
C GLU A 26 6.71 2.07 8.23
N VAL A 27 7.93 2.26 7.71
CA VAL A 27 8.40 1.49 6.58
C VAL A 27 8.78 0.09 7.10
N VAL A 28 9.50 0.02 8.21
CA VAL A 28 9.89 -1.28 8.78
C VAL A 28 8.63 -2.07 9.15
N ASP A 29 7.62 -1.38 9.65
CA ASP A 29 6.37 -2.03 10.05
C ASP A 29 5.67 -2.63 8.86
N PHE A 30 5.64 -1.87 7.77
CA PHE A 30 5.00 -2.29 6.52
C PHE A 30 5.68 -3.55 6.01
N MET A 31 6.99 -3.51 5.91
CA MET A 31 7.76 -4.65 5.44
C MET A 31 7.53 -5.87 6.35
N VAL A 32 7.54 -5.67 7.66
CA VAL A 32 7.32 -6.76 8.60
C VAL A 32 5.94 -7.41 8.44
N SER A 33 4.96 -6.63 7.98
CA SER A 33 3.62 -7.16 7.79
C SER A 33 3.49 -8.01 6.53
N LEU A 34 4.45 -7.90 5.63
CA LEU A 34 4.46 -8.65 4.37
C LEU A 34 5.30 -9.91 4.54
N ALA A 35 6.06 -9.95 5.64
CA ALA A 35 6.95 -11.06 5.94
C ALA A 35 6.23 -12.26 6.55
N GLU A 36 6.83 -13.43 6.35
CA GLU A 36 6.29 -14.67 6.89
C GLU A 36 7.42 -15.69 6.89
N ALA A 37 7.35 -16.63 7.83
CA ALA A 37 8.34 -17.68 7.98
C ALA A 37 7.70 -18.80 8.77
N PRO A 38 7.99 -20.06 8.42
CA PRO A 38 7.40 -21.17 9.17
C PRO A 38 8.03 -21.23 10.56
N ARG A 39 7.25 -21.69 11.54
CA ARG A 39 7.74 -21.80 12.90
C ARG A 39 9.06 -22.60 12.86
N GLY A 40 10.11 -22.02 13.41
CA GLY A 40 11.41 -22.68 13.40
C GLY A 40 12.29 -22.21 12.26
N GLY A 41 11.70 -21.50 11.30
CA GLY A 41 12.43 -21.01 10.15
C GLY A 41 13.57 -20.08 10.49
N ARG A 42 14.54 -19.99 9.58
CA ARG A 42 15.72 -19.13 9.76
C ARG A 42 15.41 -17.76 9.15
N VAL A 43 15.53 -16.72 9.96
CA VAL A 43 15.27 -15.35 9.55
C VAL A 43 16.63 -14.67 9.50
N LEU A 44 16.96 -14.03 8.38
CA LEU A 44 18.27 -13.39 8.20
C LEU A 44 18.13 -11.93 7.83
N GLU A 45 18.97 -11.09 8.42
CA GLU A 45 18.99 -9.68 8.07
C GLU A 45 20.43 -9.34 7.71
N PRO A 46 20.72 -9.14 6.41
CA PRO A 46 22.05 -8.80 5.91
C PRO A 46 22.34 -7.32 6.11
N ALA A 47 23.60 -6.99 6.43
CA ALA A 47 23.97 -5.59 6.65
C ALA A 47 23.13 -5.05 7.83
N CYS A 48 22.92 -5.93 8.81
CA CYS A 48 22.08 -5.66 10.00
C CYS A 48 22.41 -4.56 10.98
N ALA A 49 23.69 -4.40 11.31
CA ALA A 49 24.11 -3.39 12.28
C ALA A 49 23.53 -3.84 13.64
N HIS A 50 22.59 -3.08 14.19
CA HIS A 50 21.97 -3.45 15.47
C HIS A 50 20.77 -4.37 15.31
N GLY A 51 20.36 -4.63 14.07
CA GLY A 51 19.25 -5.53 13.80
C GLY A 51 17.83 -5.01 13.90
N PRO A 52 17.49 -3.89 13.23
CA PRO A 52 16.14 -3.29 13.24
C PRO A 52 15.01 -4.22 12.78
N PHE A 53 15.29 -5.02 11.76
CA PHE A 53 14.28 -5.93 11.21
C PHE A 53 14.16 -7.23 12.00
N LEU A 54 15.28 -7.69 12.57
CA LEU A 54 15.26 -8.90 13.38
C LEU A 54 14.33 -8.62 14.56
N ARG A 55 14.59 -7.51 15.26
CA ARG A 55 13.80 -7.09 16.42
C ARG A 55 12.31 -6.89 16.10
N ALA A 56 12.02 -6.07 15.09
CA ALA A 56 10.66 -5.79 14.68
C ALA A 56 9.85 -7.05 14.32
N PHE A 57 10.47 -7.97 13.59
CA PHE A 57 9.81 -9.21 13.20
C PHE A 57 9.45 -10.06 14.41
N ARG A 58 10.39 -10.18 15.34
CA ARG A 58 10.19 -10.93 16.56
C ARG A 58 9.05 -10.33 17.37
N GLU A 59 9.05 -9.00 17.50
CA GLU A 59 8.01 -8.30 18.23
C GLU A 59 6.63 -8.44 17.61
N ALA A 60 6.61 -8.63 16.29
CA ALA A 60 5.34 -8.76 15.60
C ALA A 60 4.91 -10.20 15.33
N HIS A 61 5.85 -11.10 15.11
CA HIS A 61 5.50 -12.48 14.82
C HIS A 61 5.82 -13.51 15.89
N GLY A 62 6.72 -13.20 16.81
CA GLY A 62 7.07 -14.14 17.86
C GLY A 62 8.52 -14.56 17.94
N THR A 63 8.83 -15.35 18.96
CA THR A 63 10.19 -15.84 19.22
C THR A 63 10.53 -17.21 18.62
N GLY A 64 9.53 -17.96 18.16
CA GLY A 64 9.78 -19.27 17.61
C GLY A 64 10.50 -19.33 16.27
N TYR A 65 11.67 -18.70 16.17
CA TYR A 65 12.45 -18.69 14.92
C TYR A 65 13.94 -18.64 15.23
N ARG A 66 14.75 -18.91 14.20
CA ARG A 66 16.21 -18.82 14.35
C ARG A 66 16.62 -17.50 13.68
N PHE A 67 16.99 -16.50 14.50
CA PHE A 67 17.38 -15.18 14.00
C PHE A 67 18.89 -15.07 13.71
N VAL A 68 19.25 -14.65 12.51
CA VAL A 68 20.65 -14.51 12.13
C VAL A 68 20.90 -13.13 11.53
N GLY A 69 22.04 -12.55 11.83
CA GLY A 69 22.36 -11.24 11.30
C GLY A 69 23.78 -11.23 10.79
N VAL A 70 24.01 -10.59 9.64
CA VAL A 70 25.36 -10.50 9.05
C VAL A 70 25.80 -9.05 8.88
N GLU A 71 26.92 -8.71 9.51
CA GLU A 71 27.45 -7.36 9.47
C GLU A 71 28.95 -7.49 9.20
N ILE A 72 29.50 -6.53 8.46
CA ILE A 72 30.92 -6.58 8.13
C ILE A 72 31.75 -5.69 9.08
N ASP A 73 31.14 -4.62 9.55
CA ASP A 73 31.77 -3.66 10.45
C ASP A 73 31.59 -4.14 11.90
N PRO A 74 32.68 -4.55 12.57
CA PRO A 74 32.62 -5.02 13.96
C PRO A 74 32.12 -3.98 14.94
N LYS A 75 32.09 -2.72 14.50
CA LYS A 75 31.63 -1.61 15.34
C LYS A 75 30.14 -1.32 15.14
N ALA A 76 29.53 -1.94 14.13
CA ALA A 76 28.12 -1.73 13.86
C ALA A 76 27.28 -2.87 14.42
N LEU A 77 27.85 -4.07 14.40
CA LEU A 77 27.16 -5.27 14.90
C LEU A 77 26.83 -5.12 16.38
N ASP A 78 25.56 -4.86 16.64
CA ASP A 78 25.07 -4.67 17.99
C ASP A 78 23.73 -5.40 18.07
N LEU A 79 23.80 -6.73 18.23
CA LEU A 79 22.60 -7.57 18.28
C LEU A 79 22.26 -8.16 19.66
N PRO A 80 20.97 -8.41 19.93
CA PRO A 80 20.54 -8.98 21.20
C PRO A 80 21.05 -10.41 21.32
N PRO A 81 21.05 -10.97 22.55
CA PRO A 81 21.51 -12.34 22.83
C PRO A 81 20.75 -13.46 22.12
N TRP A 82 19.51 -13.20 21.71
CA TRP A 82 18.70 -14.19 21.01
C TRP A 82 19.04 -14.32 19.53
N ALA A 83 19.78 -13.35 19.00
CA ALA A 83 20.17 -13.34 17.60
C ALA A 83 21.62 -13.78 17.42
N GLU A 84 21.85 -14.57 16.38
CA GLU A 84 23.19 -15.07 16.06
C GLU A 84 23.89 -14.05 15.14
N GLY A 85 24.87 -13.34 15.68
CA GLY A 85 25.58 -12.36 14.90
C GLY A 85 26.71 -12.98 14.10
N ILE A 86 26.94 -12.48 12.90
CA ILE A 86 28.01 -12.99 12.04
C ILE A 86 28.76 -11.86 11.31
N LEU A 87 30.06 -11.79 11.55
CA LEU A 87 30.93 -10.78 10.93
C LEU A 87 31.42 -11.27 9.58
N ALA A 88 30.85 -10.72 8.52
CA ALA A 88 31.26 -11.13 7.18
C ALA A 88 30.68 -10.23 6.12
N ASP A 89 31.28 -10.33 4.94
CA ASP A 89 30.84 -9.58 3.79
C ASP A 89 29.73 -10.42 3.19
N PHE A 90 28.49 -10.01 3.42
CA PHE A 90 27.34 -10.76 2.90
C PHE A 90 27.53 -11.15 1.45
N LEU A 91 28.03 -10.24 0.64
CA LEU A 91 28.24 -10.50 -0.78
C LEU A 91 29.18 -11.66 -1.08
N LEU A 92 30.11 -11.94 -0.18
CA LEU A 92 31.03 -13.04 -0.40
C LEU A 92 30.91 -14.16 0.61
N TRP A 93 30.05 -14.02 1.61
CA TRP A 93 29.91 -15.06 2.62
C TRP A 93 29.15 -16.27 2.09
N GLU A 94 29.68 -17.44 2.39
CA GLU A 94 29.06 -18.69 1.95
C GLU A 94 28.63 -19.50 3.16
N PRO A 95 27.36 -19.36 3.59
CA PRO A 95 26.89 -20.13 4.74
C PRO A 95 26.61 -21.56 4.28
N GLY A 96 26.37 -22.44 5.23
CA GLY A 96 26.07 -23.81 4.84
C GLY A 96 24.58 -24.06 4.78
N GLU A 97 23.80 -23.05 5.18
CA GLU A 97 22.36 -23.17 5.19
C GLU A 97 21.57 -22.09 4.45
N ALA A 98 20.48 -22.53 3.83
CA ALA A 98 19.57 -21.65 3.10
C ALA A 98 18.63 -21.05 4.14
N PHE A 99 17.91 -20.01 3.76
CA PHE A 99 17.02 -19.36 4.70
C PHE A 99 15.59 -19.33 4.25
N ASP A 100 14.69 -19.11 5.20
CA ASP A 100 13.26 -19.05 4.92
C ASP A 100 12.81 -17.64 4.61
N LEU A 101 13.38 -16.67 5.33
CA LEU A 101 13.02 -15.27 5.17
C LEU A 101 14.27 -14.42 5.28
N ILE A 102 14.36 -13.41 4.42
CA ILE A 102 15.48 -12.50 4.40
C ILE A 102 14.85 -11.11 4.41
N LEU A 103 15.21 -10.31 5.40
CA LEU A 103 14.68 -8.95 5.58
C LEU A 103 15.83 -7.97 5.57
N GLY A 104 15.59 -6.76 5.11
CA GLY A 104 16.66 -5.80 5.12
C GLY A 104 16.54 -4.59 4.21
N ASN A 105 17.46 -3.67 4.43
CA ASN A 105 17.55 -2.45 3.65
C ASN A 105 19.00 -2.52 3.22
N PRO A 106 19.23 -2.99 2.00
CA PRO A 106 20.60 -3.09 1.49
C PRO A 106 21.24 -1.74 1.22
N PRO A 107 22.58 -1.67 1.32
CA PRO A 107 23.33 -0.44 1.08
C PRO A 107 23.14 -0.01 -0.38
N TYR A 108 22.90 1.28 -0.59
CA TYR A 108 22.69 1.82 -1.93
C TYR A 108 24.01 2.47 -2.32
N GLY A 109 24.60 2.05 -3.43
CA GLY A 109 25.87 2.66 -3.85
C GLY A 109 26.69 1.87 -4.85
N ILE A 110 27.80 2.45 -5.26
CA ILE A 110 28.70 1.81 -6.22
C ILE A 110 30.11 1.69 -5.65
N VAL A 111 30.74 0.55 -5.95
CA VAL A 111 32.12 0.23 -5.54
C VAL A 111 32.47 0.54 -4.07
N GLY A 112 31.46 0.58 -3.21
CA GLY A 112 31.68 0.87 -1.80
C GLY A 112 31.09 2.21 -1.39
N VAL A 121 41.57 -1.55 -2.34
CA VAL A 121 40.36 -2.28 -1.84
C VAL A 121 39.27 -2.25 -2.92
N PHE A 122 38.58 -1.10 -3.00
CA PHE A 122 37.50 -0.86 -3.94
C PHE A 122 37.53 -1.66 -5.25
N LYS A 123 38.32 -1.19 -6.20
CA LYS A 123 38.40 -1.85 -7.52
C LYS A 123 38.80 -3.33 -7.42
N ALA A 124 39.61 -3.65 -6.42
CA ALA A 124 40.06 -5.01 -6.19
C ALA A 124 38.85 -5.86 -5.87
N VAL A 125 38.11 -5.44 -4.85
CA VAL A 125 36.91 -6.15 -4.41
C VAL A 125 35.86 -6.14 -5.52
N LYS A 126 35.70 -4.99 -6.18
CA LYS A 126 34.73 -4.87 -7.25
C LYS A 126 34.86 -5.99 -8.27
N ASP A 127 36.09 -6.32 -8.65
CA ASP A 127 36.25 -7.38 -9.62
C ASP A 127 35.76 -8.74 -9.14
N LEU A 128 35.96 -9.06 -7.87
CA LEU A 128 35.48 -10.34 -7.33
C LEU A 128 33.95 -10.31 -7.44
N TYR A 129 33.37 -9.16 -7.13
CA TYR A 129 31.93 -9.00 -7.19
C TYR A 129 31.47 -9.21 -8.62
N LYS A 130 32.09 -8.50 -9.56
CA LYS A 130 31.76 -8.61 -10.97
C LYS A 130 31.80 -10.03 -11.49
N LYS A 131 32.66 -10.86 -10.90
CA LYS A 131 32.75 -12.24 -11.35
C LYS A 131 31.82 -13.13 -10.56
N ALA A 132 31.47 -12.71 -9.36
CA ALA A 132 30.58 -13.49 -8.50
C ALA A 132 29.11 -13.28 -8.82
N PHE A 133 28.76 -12.09 -9.30
CA PHE A 133 27.38 -11.77 -9.59
C PHE A 133 27.03 -11.69 -11.07
N SER A 134 26.14 -12.59 -11.48
CA SER A 134 25.67 -12.71 -12.86
C SER A 134 24.75 -11.58 -13.35
N THR A 135 24.12 -10.86 -12.44
CA THR A 135 23.25 -9.78 -12.85
C THR A 135 23.98 -8.45 -12.90
N TRP A 136 25.28 -8.48 -12.65
CA TRP A 136 26.10 -7.27 -12.65
C TRP A 136 26.34 -6.76 -14.06
N LYS A 137 25.83 -5.56 -14.36
CA LYS A 137 25.96 -4.96 -15.67
C LYS A 137 26.29 -3.48 -15.47
N GLY A 138 27.12 -2.92 -16.34
CA GLY A 138 27.50 -1.52 -16.22
C GLY A 138 28.17 -1.31 -14.87
N LYS A 139 28.00 -0.12 -14.29
CA LYS A 139 28.59 0.16 -12.98
C LYS A 139 27.68 -0.51 -11.94
N TYR A 140 26.47 -0.86 -12.38
CA TYR A 140 25.48 -1.54 -11.57
C TYR A 140 25.20 -0.76 -10.28
N ASN A 141 25.06 -1.46 -9.17
CA ASN A 141 24.81 -0.86 -7.88
C ASN A 141 24.82 -1.98 -6.87
N LEU A 142 25.34 -1.70 -5.67
CA LEU A 142 25.45 -2.68 -4.61
C LEU A 142 24.13 -3.33 -4.23
N TYR A 143 23.03 -2.57 -4.23
CA TYR A 143 21.75 -3.16 -3.88
C TYR A 143 21.30 -4.27 -4.83
N GLY A 144 21.73 -4.21 -6.08
CA GLY A 144 21.35 -5.23 -7.04
C GLY A 144 22.03 -6.53 -6.67
N ALA A 145 23.29 -6.44 -6.25
CA ALA A 145 24.09 -7.59 -5.83
C ALA A 145 23.51 -8.25 -4.58
N PHE A 146 23.11 -7.43 -3.62
CA PHE A 146 22.50 -7.92 -2.39
C PHE A 146 21.23 -8.69 -2.74
N LEU A 147 20.45 -8.16 -3.68
CA LEU A 147 19.23 -8.83 -4.13
C LEU A 147 19.53 -10.21 -4.70
N GLU A 148 20.51 -10.29 -5.61
CA GLU A 148 20.87 -11.59 -6.20
C GLU A 148 21.39 -12.56 -5.15
N LYS A 149 22.28 -12.09 -4.29
CA LYS A 149 22.81 -12.94 -3.24
C LYS A 149 21.67 -13.44 -2.36
N ALA A 150 20.80 -12.52 -1.96
CA ALA A 150 19.65 -12.85 -1.12
C ALA A 150 18.79 -13.94 -1.74
N VAL A 151 18.46 -13.80 -3.02
CA VAL A 151 17.64 -14.81 -3.70
C VAL A 151 18.34 -16.15 -3.72
N ARG A 152 19.66 -16.15 -3.85
CA ARG A 152 20.43 -17.41 -3.90
C ARG A 152 20.56 -18.10 -2.53
N LEU A 153 20.37 -17.35 -1.45
CA LEU A 153 20.44 -17.91 -0.11
C LEU A 153 19.05 -18.35 0.37
N LEU A 154 18.05 -18.10 -0.45
CA LEU A 154 16.67 -18.46 -0.11
C LEU A 154 16.41 -19.92 -0.46
N LYS A 155 15.68 -20.62 0.40
CA LYS A 155 15.36 -22.00 0.11
C LYS A 155 14.07 -21.96 -0.69
N PRO A 156 13.77 -23.03 -1.45
CA PRO A 156 12.54 -23.03 -2.25
C PRO A 156 11.34 -22.65 -1.40
N GLY A 157 10.58 -21.67 -1.88
CA GLY A 157 9.41 -21.22 -1.18
C GLY A 157 9.75 -20.08 -0.24
N GLY A 158 11.04 -19.82 -0.05
CA GLY A 158 11.49 -18.74 0.82
C GLY A 158 10.98 -17.38 0.38
N VAL A 159 11.07 -16.41 1.29
CA VAL A 159 10.60 -15.05 1.02
C VAL A 159 11.63 -13.99 1.42
N LEU A 160 11.82 -12.99 0.57
CA LEU A 160 12.71 -11.88 0.92
C LEU A 160 11.88 -10.59 0.81
N VAL A 161 12.11 -9.65 1.71
CA VAL A 161 11.40 -8.37 1.68
C VAL A 161 12.51 -7.32 1.86
N PHE A 162 12.74 -6.50 0.83
CA PHE A 162 13.79 -5.48 0.85
C PHE A 162 13.23 -4.12 0.48
N VAL A 163 13.91 -3.07 0.92
CA VAL A 163 13.52 -1.70 0.56
C VAL A 163 14.69 -1.35 -0.33
N VAL A 164 14.43 -0.82 -1.53
CA VAL A 164 15.50 -0.45 -2.45
C VAL A 164 15.05 0.71 -3.34
N PRO A 165 15.98 1.37 -4.04
CA PRO A 165 15.61 2.47 -4.93
C PRO A 165 14.78 1.92 -6.07
N ALA A 166 13.98 2.77 -6.67
CA ALA A 166 13.13 2.36 -7.76
C ALA A 166 13.83 2.32 -9.12
N THR A 167 15.11 2.68 -9.15
CA THR A 167 15.86 2.72 -10.42
C THR A 167 15.91 1.41 -11.23
N TRP A 168 15.94 0.29 -10.55
CA TRP A 168 15.99 -0.99 -11.23
C TRP A 168 14.74 -1.29 -12.03
N LEU A 169 13.69 -0.50 -11.87
CA LEU A 169 12.46 -0.75 -12.61
C LEU A 169 12.62 -0.36 -14.06
N VAL A 170 13.36 0.71 -14.29
CA VAL A 170 13.55 1.24 -15.64
C VAL A 170 14.97 1.27 -16.20
N LEU A 171 15.97 1.41 -15.34
CA LEU A 171 17.35 1.50 -15.81
C LEU A 171 17.92 0.29 -16.53
N GLU A 172 18.68 0.58 -17.58
CA GLU A 172 19.38 -0.38 -18.43
C GLU A 172 20.31 -1.36 -17.71
N ASP A 173 21.10 -0.85 -16.76
CA ASP A 173 22.04 -1.67 -16.00
C ASP A 173 21.37 -2.74 -15.15
N PHE A 174 20.07 -2.63 -14.97
CA PHE A 174 19.34 -3.59 -14.16
C PHE A 174 18.50 -4.58 -14.97
N ALA A 175 18.72 -4.60 -16.29
CA ALA A 175 18.00 -5.50 -17.19
C ALA A 175 18.23 -6.97 -16.82
N LEU A 176 19.45 -7.33 -16.48
CA LEU A 176 19.75 -8.70 -16.10
C LEU A 176 19.18 -9.08 -14.74
N LEU A 177 19.15 -8.11 -13.79
CA LEU A 177 18.58 -8.35 -12.47
C LEU A 177 17.10 -8.67 -12.63
N ARG A 178 16.42 -7.91 -13.49
CA ARG A 178 15.01 -8.10 -13.78
C ARG A 178 14.71 -9.48 -14.37
N GLU A 179 15.54 -9.93 -15.30
CA GLU A 179 15.32 -11.25 -15.89
C GLU A 179 15.50 -12.31 -14.82
N PHE A 180 16.54 -12.16 -14.02
CA PHE A 180 16.87 -13.08 -12.92
C PHE A 180 15.67 -13.27 -12.02
N LEU A 181 15.17 -12.17 -11.48
CA LEU A 181 14.01 -12.18 -10.59
C LEU A 181 12.80 -12.84 -11.27
N ALA A 182 12.52 -12.46 -12.51
CA ALA A 182 11.39 -13.02 -13.23
C ALA A 182 11.43 -14.53 -13.37
N ARG A 183 12.62 -15.07 -13.59
CA ARG A 183 12.77 -16.49 -13.77
C ARG A 183 12.95 -17.30 -12.46
N GLU A 184 13.37 -16.65 -11.39
CA GLU A 184 13.59 -17.34 -10.12
C GLU A 184 12.38 -17.41 -9.21
N GLY A 185 11.40 -16.54 -9.40
CA GLY A 185 10.24 -16.60 -8.54
C GLY A 185 9.17 -15.59 -8.85
N LYS A 186 8.28 -15.37 -7.88
CA LYS A 186 7.20 -14.42 -8.00
C LYS A 186 7.64 -13.12 -7.33
N THR A 187 7.39 -11.99 -8.00
CA THR A 187 7.81 -10.69 -7.50
C THR A 187 6.67 -9.71 -7.32
N SER A 188 6.64 -9.04 -6.16
CA SER A 188 5.64 -8.02 -5.85
C SER A 188 6.38 -6.73 -5.55
N VAL A 189 6.01 -5.65 -6.22
CA VAL A 189 6.66 -4.37 -6.04
C VAL A 189 5.69 -3.34 -5.47
N TYR A 190 6.01 -2.81 -4.29
CA TYR A 190 5.16 -1.80 -3.63
C TYR A 190 5.81 -0.43 -3.70
N TYR A 191 5.20 0.46 -4.45
CA TYR A 191 5.75 1.81 -4.59
C TYR A 191 5.52 2.63 -3.32
N LEU A 192 6.61 3.09 -2.73
CA LEU A 192 6.55 3.92 -1.53
C LEU A 192 6.86 5.38 -1.91
N GLY A 193 7.93 5.56 -2.68
CA GLY A 193 8.32 6.89 -3.11
C GLY A 193 9.49 7.44 -2.31
N GLU A 194 9.50 8.75 -2.13
CA GLU A 194 10.58 9.39 -1.40
C GLU A 194 10.20 9.50 0.07
N VAL A 195 10.35 8.37 0.75
CA VAL A 195 10.03 8.21 2.16
C VAL A 195 11.19 8.40 3.11
N PHE A 196 12.42 8.32 2.61
CA PHE A 196 13.57 8.50 3.46
C PHE A 196 13.82 9.99 3.68
N PRO A 197 14.56 10.35 4.75
CA PRO A 197 14.85 11.75 5.03
C PRO A 197 15.52 12.46 3.84
N GLN A 198 16.46 11.80 3.17
CA GLN A 198 17.10 12.41 2.01
C GLN A 198 16.10 12.22 0.88
N LYS A 199 15.58 13.35 0.41
CA LYS A 199 14.54 13.38 -0.59
C LYS A 199 14.75 13.08 -2.06
N LYS A 200 15.94 12.74 -2.51
CA LYS A 200 16.00 12.47 -3.94
C LYS A 200 16.06 11.00 -4.34
N VAL A 201 15.66 10.11 -3.44
CA VAL A 201 15.67 8.68 -3.73
C VAL A 201 14.25 8.18 -3.60
N SER A 202 13.75 7.57 -4.66
CA SER A 202 12.41 7.03 -4.68
C SER A 202 12.57 5.56 -4.27
N ALA A 203 11.85 5.15 -3.24
CA ALA A 203 11.96 3.78 -2.75
C ALA A 203 10.85 2.88 -3.24
N VAL A 204 11.12 1.58 -3.19
CA VAL A 204 10.20 0.57 -3.62
C VAL A 204 10.45 -0.62 -2.66
N VAL A 205 9.40 -1.29 -2.22
CA VAL A 205 9.58 -2.47 -1.37
C VAL A 205 9.33 -3.65 -2.31
N ILE A 206 10.27 -4.58 -2.37
CA ILE A 206 10.10 -5.75 -3.21
C ILE A 206 9.88 -6.98 -2.34
N ARG A 207 8.80 -7.68 -2.59
CA ARG A 207 8.51 -8.90 -1.87
C ARG A 207 8.67 -10.00 -2.91
N PHE A 208 9.70 -10.81 -2.76
CA PHE A 208 9.99 -11.88 -3.70
C PHE A 208 9.82 -13.24 -3.02
N GLN A 209 9.08 -14.14 -3.66
CA GLN A 209 8.89 -15.49 -3.12
C GLN A 209 9.53 -16.45 -4.09
N LYS A 210 10.53 -17.19 -3.63
CA LYS A 210 11.23 -18.13 -4.50
C LYS A 210 10.35 -19.31 -4.87
N SER A 211 9.23 -18.99 -5.49
CA SER A 211 8.23 -19.96 -5.93
C SER A 211 7.69 -19.30 -7.20
N GLY A 212 8.37 -19.57 -8.31
CA GLY A 212 8.03 -18.98 -9.60
C GLY A 212 6.60 -18.56 -9.86
N LYS A 213 6.45 -17.40 -10.51
CA LYS A 213 5.14 -16.84 -10.85
C LYS A 213 5.42 -15.56 -11.63
N GLY A 214 4.57 -14.54 -11.53
CA GLY A 214 4.82 -13.34 -12.29
C GLY A 214 5.20 -12.10 -11.51
N LEU A 215 4.59 -10.98 -11.85
CA LEU A 215 4.89 -9.72 -11.20
C LEU A 215 3.56 -9.06 -10.83
N SER A 216 3.50 -8.46 -9.64
CA SER A 216 2.31 -7.75 -9.19
C SER A 216 2.83 -6.34 -8.89
N LEU A 217 2.13 -5.33 -9.38
CA LEU A 217 2.55 -3.96 -9.15
C LEU A 217 1.54 -3.35 -8.18
N TRP A 218 2.00 -2.84 -7.06
CA TRP A 218 1.12 -2.24 -6.07
C TRP A 218 1.51 -0.81 -5.83
N ASP A 219 0.52 -0.02 -5.46
CA ASP A 219 0.75 1.38 -5.12
C ASP A 219 0.49 1.42 -3.61
N THR A 220 0.78 2.53 -2.96
CA THR A 220 0.51 2.63 -1.53
C THR A 220 -0.06 3.97 -1.22
N GLN A 221 -0.71 4.06 -0.08
CA GLN A 221 -1.31 5.30 0.39
C GLN A 221 -0.71 5.49 1.78
N GLU A 222 -0.14 6.66 2.01
CA GLU A 222 0.46 6.97 3.29
C GLU A 222 -0.59 7.67 4.14
N SER A 223 -0.78 7.19 5.36
CA SER A 223 -1.73 7.77 6.29
C SER A 223 -1.07 7.78 7.66
N GLU A 224 -1.80 8.22 8.68
CA GLU A 224 -1.26 8.27 10.03
C GLU A 224 -0.83 6.91 10.59
N SER A 225 -1.47 5.84 10.14
CA SER A 225 -1.14 4.49 10.59
C SER A 225 -0.04 3.83 9.76
N GLY A 226 0.45 4.56 8.75
CA GLY A 226 1.48 4.00 7.91
C GLY A 226 0.99 3.83 6.49
N PHE A 227 1.42 2.73 5.86
CA PHE A 227 1.07 2.46 4.47
C PHE A 227 -0.03 1.43 4.29
N THR A 228 -0.85 1.65 3.26
CA THR A 228 -1.93 0.75 2.88
C THR A 228 -1.65 0.40 1.41
N PRO A 229 -1.56 -0.90 1.09
CA PRO A 229 -1.29 -1.29 -0.30
C PRO A 229 -2.54 -1.25 -1.15
N ILE A 230 -2.36 -0.98 -2.44
CA ILE A 230 -3.46 -0.94 -3.40
C ILE A 230 -2.94 -1.62 -4.67
N LEU A 231 -3.52 -2.77 -5.03
CA LEU A 231 -3.08 -3.49 -6.22
C LEU A 231 -3.33 -2.63 -7.45
N TRP A 232 -2.30 -2.48 -8.26
CA TRP A 232 -2.37 -1.65 -9.46
C TRP A 232 -2.62 -2.52 -10.68
N ALA A 233 -1.72 -3.46 -10.92
CA ALA A 233 -1.86 -4.33 -12.06
C ALA A 233 -1.01 -5.54 -11.83
N GLU A 234 -1.28 -6.60 -12.58
CA GLU A 234 -0.53 -7.84 -12.47
C GLU A 234 -0.03 -8.27 -13.85
N TYR A 235 1.19 -8.80 -13.89
CA TYR A 235 1.84 -9.26 -15.11
C TYR A 235 2.27 -10.70 -14.88
N PRO A 236 1.35 -11.66 -15.06
CA PRO A 236 1.63 -13.08 -14.86
C PRO A 236 2.66 -13.68 -15.79
N HIS A 237 2.91 -13.02 -16.91
CA HIS A 237 3.89 -13.53 -17.87
C HIS A 237 5.15 -12.67 -17.88
N TRP A 238 5.34 -11.88 -16.83
CA TRP A 238 6.51 -11.00 -16.75
C TRP A 238 7.79 -11.82 -16.94
N GLU A 239 8.71 -11.30 -17.75
CA GLU A 239 9.98 -11.97 -17.99
C GLU A 239 11.16 -11.04 -17.77
N GLY A 240 10.89 -9.87 -17.18
CA GLY A 240 11.96 -8.93 -16.93
C GLY A 240 11.89 -7.61 -17.64
N GLU A 241 10.80 -7.33 -18.34
CA GLU A 241 10.72 -6.03 -19.04
C GLU A 241 10.51 -4.88 -18.05
N ILE A 242 10.78 -3.65 -18.47
CA ILE A 242 10.63 -2.50 -17.58
C ILE A 242 9.25 -2.44 -16.94
N ILE A 243 9.23 -2.01 -15.70
CA ILE A 243 8.03 -1.92 -14.89
C ILE A 243 7.55 -0.46 -14.93
N ARG A 244 6.27 -0.28 -15.27
CA ARG A 244 5.67 1.05 -15.36
C ARG A 244 4.26 1.01 -14.78
N PHE A 245 3.74 2.18 -14.44
CA PHE A 245 2.39 2.30 -13.92
C PHE A 245 1.48 2.64 -15.10
N GLU A 246 0.91 1.60 -15.69
CA GLU A 246 0.04 1.75 -16.84
C GLU A 246 -1.43 1.95 -16.47
N THR A 247 -2.12 2.69 -17.32
CA THR A 247 -3.55 2.92 -17.15
C THR A 247 -4.16 2.75 -18.56
N GLU A 248 -5.47 2.78 -18.66
CA GLU A 248 -6.14 2.64 -19.95
C GLU A 248 -5.78 3.80 -20.89
N GLU A 249 -5.56 4.99 -20.34
CA GLU A 249 -5.19 6.15 -21.14
C GLU A 249 -3.77 6.03 -21.73
N THR A 250 -2.83 5.49 -20.96
CA THR A 250 -1.46 5.35 -21.46
C THR A 250 -1.47 4.33 -22.59
N ARG A 251 -2.13 3.19 -22.35
CA ARG A 251 -2.25 2.12 -23.34
C ARG A 251 -2.83 2.71 -24.63
N LYS A 252 -3.93 3.44 -24.48
CA LYS A 252 -4.63 4.06 -25.59
C LYS A 252 -3.73 4.97 -26.39
N LEU A 253 -3.05 5.88 -25.70
CA LEU A 253 -2.15 6.82 -26.34
C LEU A 253 -1.04 6.09 -27.11
N GLU A 254 -0.56 4.99 -26.57
CA GLU A 254 0.52 4.22 -27.21
C GLU A 254 0.12 3.39 -28.42
N ILE A 255 -1.10 2.87 -28.45
CA ILE A 255 -1.50 2.07 -29.59
C ILE A 255 -1.94 2.93 -30.76
N SER A 256 -2.33 4.17 -30.48
CA SER A 256 -2.79 5.06 -31.53
C SER A 256 -1.73 6.00 -32.14
N GLY A 257 -0.47 5.73 -31.88
CA GLY A 257 0.58 6.56 -32.42
C GLY A 257 1.78 5.67 -32.64
N MET A 258 2.83 6.16 -33.28
CA MET A 258 3.99 5.31 -33.45
C MET A 258 5.11 5.75 -32.51
N PRO A 259 5.95 4.81 -32.09
CA PRO A 259 7.05 5.15 -31.18
C PRO A 259 8.01 6.12 -31.82
N LEU A 260 8.30 7.19 -31.11
CA LEU A 260 9.26 8.19 -31.56
C LEU A 260 10.55 7.49 -32.03
N GLY A 261 10.87 6.37 -31.41
CA GLY A 261 12.07 5.62 -31.77
C GLY A 261 12.03 4.92 -33.12
N ASP A 262 10.90 4.97 -33.80
CA ASP A 262 10.78 4.35 -35.12
C ASP A 262 10.94 5.40 -36.20
N LEU A 263 10.76 6.66 -35.80
CA LEU A 263 10.85 7.75 -36.73
C LEU A 263 12.18 8.48 -36.67
N PHE A 264 12.86 8.39 -35.53
CA PHE A 264 14.15 9.07 -35.32
C PHE A 264 15.31 8.26 -34.84
N HIS A 265 16.51 8.76 -35.15
CA HIS A 265 17.76 8.17 -34.68
C HIS A 265 18.03 9.06 -33.49
N ILE A 266 18.33 8.46 -32.35
CA ILE A 266 18.61 9.24 -31.15
C ILE A 266 20.12 9.27 -31.00
N ARG A 267 20.70 10.44 -31.18
CA ARG A 267 22.14 10.60 -31.09
C ARG A 267 22.56 11.35 -29.81
N PHE A 268 23.83 11.22 -29.45
CA PHE A 268 24.37 11.86 -28.26
C PHE A 268 25.41 12.92 -28.60
N ALA A 269 25.37 14.03 -27.86
CA ALA A 269 26.30 15.12 -28.05
C ALA A 269 27.71 14.75 -27.60
N ALA A 270 28.68 15.53 -28.05
CA ALA A 270 30.07 15.30 -27.69
C ALA A 270 30.22 15.80 -26.26
N ARG A 271 30.98 15.10 -25.44
CA ARG A 271 31.17 15.51 -24.07
C ARG A 271 32.09 16.74 -24.05
N SER A 272 31.96 17.55 -23.01
CA SER A 272 32.74 18.77 -22.84
C SER A 272 34.24 18.65 -23.20
N PRO A 273 34.90 17.56 -22.78
CA PRO A 273 36.32 17.37 -23.09
C PRO A 273 36.64 17.35 -24.59
N GLU A 274 35.79 16.71 -25.39
CA GLU A 274 36.01 16.65 -26.84
C GLU A 274 36.14 18.06 -27.41
N PHE A 275 35.34 18.97 -26.86
CA PHE A 275 35.34 20.36 -27.29
C PHE A 275 36.64 21.05 -26.92
N LYS A 276 37.07 20.85 -25.67
CA LYS A 276 38.29 21.45 -25.19
C LYS A 276 39.53 20.96 -25.91
N LYS A 277 39.51 19.72 -26.37
CA LYS A 277 40.64 19.13 -27.11
C LYS A 277 40.51 19.40 -28.60
N HIS A 278 39.55 20.23 -28.97
CA HIS A 278 39.32 20.58 -30.37
C HIS A 278 39.86 21.98 -30.59
N PRO A 279 40.71 22.16 -31.62
CA PRO A 279 41.28 23.47 -31.93
C PRO A 279 40.11 24.35 -32.34
N ALA A 280 40.33 25.64 -32.50
CA ALA A 280 39.24 26.55 -32.90
C ALA A 280 38.23 26.79 -31.78
N VAL A 281 38.29 25.97 -30.73
CA VAL A 281 37.41 26.13 -29.58
C VAL A 281 38.09 27.13 -28.65
N ARG A 282 37.40 28.23 -28.40
CA ARG A 282 37.91 29.30 -27.53
C ARG A 282 37.17 29.26 -26.21
N LYS A 283 37.71 29.97 -25.22
CA LYS A 283 37.11 30.06 -23.89
C LYS A 283 36.72 31.52 -23.66
N GLU A 284 36.80 32.32 -24.71
CA GLU A 284 36.49 33.75 -24.67
C GLU A 284 35.74 34.00 -25.97
N PRO A 285 34.74 34.90 -25.95
CA PRO A 285 34.00 35.17 -27.19
C PRO A 285 34.85 35.84 -28.25
N GLY A 286 34.20 36.20 -29.35
CA GLY A 286 34.87 36.87 -30.44
C GLY A 286 33.94 36.91 -31.63
N PRO A 287 34.32 37.58 -32.72
CA PRO A 287 33.46 37.65 -33.90
C PRO A 287 33.51 36.29 -34.61
N GLY A 288 32.37 35.83 -35.10
CA GLY A 288 32.33 34.56 -35.80
C GLY A 288 32.24 33.37 -34.88
N LEU A 289 32.24 33.62 -33.57
CA LEU A 289 32.15 32.55 -32.61
C LEU A 289 30.71 32.39 -32.09
N VAL A 290 30.34 31.15 -31.82
CA VAL A 290 29.00 30.81 -31.35
C VAL A 290 29.16 30.05 -30.02
N PRO A 291 28.21 30.22 -29.08
CA PRO A 291 28.30 29.51 -27.80
C PRO A 291 27.97 28.03 -27.88
N VAL A 292 28.71 27.22 -27.13
CA VAL A 292 28.46 25.80 -27.08
C VAL A 292 27.27 25.73 -26.13
N LEU A 293 26.11 25.29 -26.65
CA LEU A 293 24.89 25.24 -25.87
C LEU A 293 24.76 24.08 -24.89
N THR A 294 24.02 24.30 -23.81
CA THR A 294 23.81 23.30 -22.79
C THR A 294 22.31 23.24 -22.52
N GLY A 295 21.91 22.38 -21.59
CA GLY A 295 20.51 22.24 -21.26
C GLY A 295 19.80 23.52 -20.81
N ARG A 296 20.56 24.51 -20.36
CA ARG A 296 19.97 25.76 -19.91
C ARG A 296 19.52 26.63 -21.07
N ASN A 297 19.98 26.32 -22.28
CA ASN A 297 19.60 27.06 -23.46
C ASN A 297 18.33 26.49 -24.09
N LEU A 298 17.98 25.26 -23.69
CA LEU A 298 16.81 24.58 -24.22
C LEU A 298 15.60 24.95 -23.41
N LYS A 299 14.63 25.57 -24.07
CA LYS A 299 13.38 25.95 -23.42
C LYS A 299 12.28 25.13 -24.07
N PRO A 300 11.12 25.04 -23.42
CA PRO A 300 10.04 24.25 -24.02
C PRO A 300 9.48 24.94 -25.25
N GLY A 301 9.95 24.53 -26.42
CA GLY A 301 9.46 25.12 -27.64
C GLY A 301 10.42 26.07 -28.31
N TRP A 302 11.51 26.43 -27.64
CA TRP A 302 12.49 27.35 -28.20
C TRP A 302 13.86 27.17 -27.60
N VAL A 303 14.86 27.71 -28.29
CA VAL A 303 16.26 27.64 -27.88
C VAL A 303 16.79 29.04 -27.64
N ASP A 304 17.47 29.25 -26.52
CA ASP A 304 18.04 30.55 -26.23
C ASP A 304 19.48 30.48 -26.74
N TYR A 305 19.69 31.04 -27.92
CA TYR A 305 21.01 31.04 -28.56
C TYR A 305 21.96 32.08 -27.98
N GLU A 306 21.42 33.00 -27.19
CA GLU A 306 22.21 34.09 -26.60
C GLU A 306 23.13 33.75 -25.42
N LYS A 307 22.55 33.33 -24.30
CA LYS A 307 23.32 33.04 -23.11
C LYS A 307 24.23 31.82 -23.17
N ASN A 308 25.50 32.03 -22.84
CA ASN A 308 26.49 30.96 -22.83
C ASN A 308 26.52 30.41 -21.40
N HIS A 309 26.40 29.10 -21.28
CA HIS A 309 26.40 28.44 -19.97
C HIS A 309 27.52 27.41 -19.84
N SER A 310 28.30 27.27 -20.90
CA SER A 310 29.39 26.32 -20.90
C SER A 310 30.75 26.98 -20.75
N GLY A 311 30.83 28.25 -21.14
CA GLY A 311 32.08 28.96 -21.05
C GLY A 311 33.00 28.53 -22.19
N LEU A 312 32.39 28.08 -23.27
CA LEU A 312 33.12 27.63 -24.46
C LEU A 312 32.45 28.20 -25.68
N TRP A 313 33.26 28.60 -26.65
CA TRP A 313 32.80 29.18 -27.90
C TRP A 313 33.62 28.52 -29.02
N MET A 314 33.09 28.51 -30.22
CA MET A 314 33.79 27.93 -31.36
C MET A 314 33.11 28.40 -32.62
N PRO A 315 33.83 28.40 -33.76
CA PRO A 315 33.16 28.85 -34.99
C PRO A 315 32.09 27.82 -35.39
N LYS A 316 30.86 28.28 -35.48
CA LYS A 316 29.70 27.45 -35.81
C LYS A 316 29.97 26.38 -36.83
N GLU A 317 30.39 26.80 -38.02
CA GLU A 317 30.69 25.89 -39.13
C GLU A 317 31.75 24.82 -38.86
N ARG A 318 32.39 24.88 -37.70
CA ARG A 318 33.42 23.94 -37.32
C ARG A 318 32.86 22.82 -36.42
N ALA A 319 31.62 22.99 -35.96
CA ALA A 319 30.96 22.02 -35.08
C ALA A 319 30.78 20.67 -35.76
N LYS A 320 30.56 20.70 -37.07
CA LYS A 320 30.37 19.51 -37.90
C LYS A 320 31.50 18.50 -37.70
N GLU A 321 32.67 19.00 -37.31
CA GLU A 321 33.85 18.16 -37.10
C GLU A 321 33.80 17.34 -35.82
N LEU A 322 32.95 17.74 -34.87
CA LEU A 322 32.79 17.00 -33.61
C LEU A 322 31.71 15.92 -33.83
N ARG A 323 30.58 16.33 -34.42
CA ARG A 323 29.46 15.44 -34.71
C ARG A 323 28.81 16.02 -35.96
N ASP A 324 28.61 15.19 -36.97
CA ASP A 324 28.01 15.69 -38.20
C ASP A 324 26.64 16.34 -38.04
N PHE A 325 25.80 15.81 -37.17
CA PHE A 325 24.45 16.37 -36.97
C PHE A 325 24.44 17.79 -36.42
N TYR A 326 25.56 18.29 -35.92
CA TYR A 326 25.58 19.66 -35.43
C TYR A 326 25.36 20.64 -36.59
N ALA A 327 25.63 20.19 -37.82
CA ALA A 327 25.46 21.05 -38.98
C ALA A 327 24.05 20.95 -39.58
N THR A 328 23.23 20.07 -39.02
CA THR A 328 21.87 19.85 -39.50
C THR A 328 20.82 20.30 -38.49
N PRO A 329 19.91 21.21 -38.89
CA PRO A 329 18.87 21.65 -37.95
C PRO A 329 18.05 20.42 -37.53
N HIS A 330 17.87 20.25 -36.23
CA HIS A 330 17.16 19.08 -35.74
C HIS A 330 16.43 19.31 -34.43
N LEU A 331 15.73 18.27 -33.99
CA LEU A 331 14.95 18.28 -32.76
C LEU A 331 15.83 17.94 -31.55
N VAL A 332 15.71 18.73 -30.48
CA VAL A 332 16.48 18.46 -29.27
C VAL A 332 15.51 18.22 -28.10
N VAL A 333 15.68 17.09 -27.42
CA VAL A 333 14.87 16.73 -26.27
C VAL A 333 15.80 16.62 -25.07
N ALA A 334 15.38 17.19 -23.94
CA ALA A 334 16.17 17.20 -22.72
C ALA A 334 16.23 15.91 -21.93
N HIS A 335 17.38 15.67 -21.32
CA HIS A 335 17.58 14.52 -20.46
C HIS A 335 18.03 15.04 -19.10
N THR A 336 18.25 16.35 -19.00
CA THR A 336 18.71 16.98 -17.76
C THR A 336 17.60 17.63 -16.91
N LYS A 337 16.45 17.84 -17.53
CA LYS A 337 15.34 18.51 -16.86
C LYS A 337 14.37 17.63 -16.06
N GLY A 338 14.81 16.44 -15.69
CA GLY A 338 13.95 15.57 -14.91
C GLY A 338 13.10 14.64 -15.75
N THR A 339 12.05 14.09 -15.14
CA THR A 339 11.18 13.18 -15.84
C THR A 339 10.02 13.90 -16.52
N ARG A 340 10.34 14.64 -17.58
CA ARG A 340 9.34 15.36 -18.35
C ARG A 340 9.92 15.60 -19.74
N VAL A 341 9.06 15.84 -20.72
CA VAL A 341 9.52 16.06 -22.08
C VAL A 341 9.63 17.56 -22.43
N VAL A 342 10.86 18.04 -22.56
CA VAL A 342 11.11 19.43 -22.94
C VAL A 342 11.79 19.33 -24.28
N ALA A 343 11.15 19.86 -25.30
CA ALA A 343 11.71 19.79 -26.64
C ALA A 343 11.70 21.10 -27.43
N ALA A 344 12.60 21.19 -28.40
CA ALA A 344 12.68 22.35 -29.28
C ALA A 344 13.39 21.97 -30.58
N TRP A 345 13.17 22.79 -31.61
CA TRP A 345 13.79 22.57 -32.91
C TRP A 345 14.96 23.53 -33.04
N ASP A 346 16.16 23.00 -33.18
CA ASP A 346 17.34 23.85 -33.33
C ASP A 346 17.47 24.24 -34.80
N GLU A 347 16.73 25.28 -35.19
CA GLU A 347 16.74 25.75 -36.58
C GLU A 347 18.08 26.30 -37.06
N ARG A 348 18.88 26.79 -36.14
CA ARG A 348 20.19 27.34 -36.47
C ARG A 348 21.32 26.32 -36.52
N ALA A 349 21.12 25.18 -35.88
CA ALA A 349 22.13 24.13 -35.86
C ALA A 349 23.40 24.57 -35.16
N TYR A 350 23.31 24.71 -33.84
CA TYR A 350 24.45 25.11 -33.02
C TYR A 350 25.05 23.86 -32.36
N PRO A 351 26.28 23.96 -31.84
CA PRO A 351 26.92 22.82 -31.18
C PRO A 351 26.34 22.69 -29.76
N TRP A 352 26.11 21.45 -29.31
CA TRP A 352 25.54 21.19 -27.99
C TRP A 352 26.49 20.34 -27.18
N ARG A 353 26.51 20.59 -25.89
CA ARG A 353 27.37 19.85 -24.98
C ARG A 353 26.61 18.69 -24.33
N GLU A 354 25.31 18.63 -24.56
CA GLU A 354 24.50 17.58 -23.96
C GLU A 354 23.11 17.49 -24.58
N GLU A 355 22.24 16.71 -23.94
CA GLU A 355 20.86 16.47 -24.36
C GLU A 355 20.74 15.41 -25.44
N PHE A 356 19.51 15.06 -25.80
CA PHE A 356 19.24 14.07 -26.83
C PHE A 356 19.09 14.77 -28.17
N HIS A 357 19.66 14.21 -29.22
CA HIS A 357 19.56 14.80 -30.55
C HIS A 357 18.89 13.82 -31.51
N LEU A 358 17.73 14.21 -32.00
CA LEU A 358 16.93 13.38 -32.88
C LEU A 358 17.03 13.73 -34.35
N LEU A 359 17.40 12.74 -35.15
CA LEU A 359 17.52 12.90 -36.59
C LEU A 359 16.49 11.96 -37.19
N PRO A 360 15.58 12.48 -38.04
CA PRO A 360 14.56 11.60 -38.64
C PRO A 360 15.17 10.46 -39.45
N LYS A 361 14.50 9.33 -39.47
CA LYS A 361 15.02 8.19 -40.23
C LYS A 361 14.72 8.30 -41.74
N GLU A 362 15.35 7.43 -42.51
CA GLU A 362 15.18 7.41 -43.96
C GLU A 362 13.70 7.33 -44.35
N GLY A 363 13.24 8.33 -45.10
CA GLY A 363 11.85 8.35 -45.53
C GLY A 363 10.81 8.91 -44.57
N VAL A 364 11.25 9.39 -43.41
CA VAL A 364 10.30 9.95 -42.46
C VAL A 364 10.09 11.42 -42.77
N ARG A 365 8.83 11.84 -42.83
CA ARG A 365 8.46 13.22 -43.11
C ARG A 365 7.69 13.70 -41.89
N LEU A 366 8.01 14.90 -41.42
CA LEU A 366 7.36 15.42 -40.23
C LEU A 366 7.16 16.91 -40.24
N ASP A 367 6.30 17.37 -39.35
CA ASP A 367 5.96 18.76 -39.17
C ASP A 367 6.56 19.18 -37.82
N PRO A 368 7.80 19.70 -37.85
CA PRO A 368 8.56 20.14 -36.68
C PRO A 368 7.77 20.95 -35.67
N SER A 369 7.15 22.03 -36.13
CA SER A 369 6.40 22.91 -35.26
C SER A 369 5.28 22.21 -34.50
N THR A 370 4.58 21.29 -35.15
CA THR A 370 3.50 20.61 -34.48
C THR A 370 4.03 19.46 -33.65
N LEU A 371 5.12 18.85 -34.10
CA LEU A 371 5.72 17.76 -33.35
C LEU A 371 6.18 18.37 -32.01
N VAL A 372 6.94 19.46 -32.11
CA VAL A 372 7.46 20.12 -30.92
C VAL A 372 6.33 20.47 -29.96
N GLN A 373 5.27 21.08 -30.46
CA GLN A 373 4.10 21.46 -29.66
C GLN A 373 3.55 20.22 -28.93
N TRP A 374 3.44 19.12 -29.66
CA TRP A 374 2.94 17.84 -29.15
C TRP A 374 3.79 17.29 -28.01
N LEU A 375 5.11 17.29 -28.20
CA LEU A 375 5.99 16.78 -27.17
C LEU A 375 5.99 17.57 -25.86
N ASN A 376 5.77 18.88 -25.94
CA ASN A 376 5.77 19.73 -24.76
C ASN A 376 4.38 19.86 -24.18
N SER A 377 3.40 19.20 -24.79
CA SER A 377 2.02 19.30 -24.33
C SER A 377 1.77 18.70 -22.94
N GLU A 378 0.66 19.10 -22.34
CA GLU A 378 0.24 18.63 -21.03
C GLU A 378 -0.02 17.13 -21.08
N ALA A 379 -0.66 16.69 -22.14
CA ALA A 379 -0.97 15.27 -22.33
C ALA A 379 0.30 14.46 -22.38
N MET A 380 1.34 15.01 -22.97
CA MET A 380 2.60 14.29 -23.02
C MET A 380 3.24 14.24 -21.63
N GLN A 381 3.16 15.35 -20.89
CA GLN A 381 3.74 15.40 -19.54
C GLN A 381 2.98 14.46 -18.61
N LYS A 382 1.65 14.45 -18.74
CA LYS A 382 0.78 13.60 -17.91
C LYS A 382 1.08 12.11 -18.16
N HIS A 383 1.26 11.78 -19.43
CA HIS A 383 1.55 10.43 -19.89
C HIS A 383 2.83 9.89 -19.26
N VAL A 384 3.89 10.67 -19.35
CA VAL A 384 5.21 10.30 -18.81
C VAL A 384 5.20 10.23 -17.28
N ARG A 385 4.57 11.22 -16.66
CA ARG A 385 4.47 11.29 -15.21
C ARG A 385 3.65 10.09 -14.69
N THR A 386 2.63 9.67 -15.41
CA THR A 386 1.79 8.54 -15.00
C THR A 386 2.59 7.24 -14.99
N LEU A 387 3.33 7.02 -16.06
CA LEU A 387 4.12 5.82 -16.24
C LEU A 387 5.33 5.61 -15.35
N TYR A 388 6.21 6.61 -15.29
CA TYR A 388 7.45 6.48 -14.54
C TYR A 388 7.57 7.24 -13.25
N ARG A 389 6.55 8.02 -12.92
CA ARG A 389 6.55 8.80 -11.70
C ARG A 389 7.90 9.45 -11.44
N ASP A 390 8.52 9.14 -10.33
CA ASP A 390 9.82 9.70 -9.99
C ASP A 390 10.83 8.59 -9.78
N PHE A 391 10.68 7.49 -10.51
CA PHE A 391 11.58 6.35 -10.39
C PHE A 391 13.03 6.78 -10.53
N VAL A 392 13.30 7.55 -11.57
CA VAL A 392 14.63 8.08 -11.84
C VAL A 392 14.52 9.59 -11.96
N PRO A 393 15.64 10.30 -11.78
CA PRO A 393 15.66 11.77 -11.86
C PRO A 393 15.63 12.37 -13.26
N HIS A 394 15.93 11.60 -14.30
CA HIS A 394 15.92 12.16 -15.65
C HIS A 394 15.28 11.21 -16.61
N LEU A 395 14.78 11.78 -17.70
CA LEU A 395 14.16 11.04 -18.78
C LEU A 395 15.25 10.22 -19.44
N THR A 396 15.02 8.92 -19.58
CA THR A 396 16.02 8.05 -20.19
C THR A 396 15.69 7.71 -21.63
N LEU A 397 16.66 7.07 -22.29
CA LEU A 397 16.55 6.66 -23.68
C LEU A 397 15.36 5.72 -23.93
N ARG A 398 15.18 4.76 -23.03
CA ARG A 398 14.08 3.81 -23.11
C ARG A 398 12.71 4.45 -22.96
N MET A 399 12.62 5.50 -22.15
CA MET A 399 11.37 6.23 -21.96
C MET A 399 11.16 7.06 -23.22
N LEU A 400 12.24 7.69 -23.69
CA LEU A 400 12.17 8.53 -24.88
C LEU A 400 11.77 7.77 -26.14
N GLU A 401 12.40 6.62 -26.37
CA GLU A 401 12.12 5.78 -27.54
C GLU A 401 10.67 5.35 -27.70
N ARG A 402 9.94 5.30 -26.59
CA ARG A 402 8.54 4.88 -26.61
C ARG A 402 7.51 5.99 -26.64
N LEU A 403 7.94 7.25 -26.62
CA LEU A 403 6.95 8.33 -26.65
C LEU A 403 6.15 8.20 -27.93
N PRO A 404 4.82 8.20 -27.82
CA PRO A 404 3.96 8.07 -29.00
C PRO A 404 3.76 9.37 -29.77
N VAL A 405 3.94 9.29 -31.08
CA VAL A 405 3.77 10.44 -31.95
C VAL A 405 2.49 10.24 -32.71
N ARG A 406 1.57 11.19 -32.59
CA ARG A 406 0.32 11.12 -33.31
C ARG A 406 0.73 11.14 -34.79
N ARG A 407 0.13 10.26 -35.58
CA ARG A 407 0.44 10.15 -37.00
C ARG A 407 0.28 11.40 -37.87
N GLU A 408 -0.29 12.46 -37.31
CA GLU A 408 -0.48 13.71 -38.03
C GLU A 408 0.65 14.73 -37.84
N TYR A 409 1.71 14.33 -37.15
CA TYR A 409 2.86 15.20 -36.92
C TYR A 409 4.09 14.69 -37.66
N GLY A 410 4.16 13.38 -37.82
CA GLY A 410 5.28 12.75 -38.50
C GLY A 410 4.89 11.34 -38.92
N PHE A 411 5.43 10.88 -40.04
CA PHE A 411 5.11 9.56 -40.55
C PHE A 411 6.18 9.04 -41.50
N HIS A 412 6.26 7.72 -41.61
CA HIS A 412 7.22 7.11 -42.50
C HIS A 412 6.48 6.24 -43.50
N THR A 413 6.51 6.66 -44.77
CA THR A 413 5.86 5.93 -45.85
C THR A 413 6.61 6.10 -47.17
N VAL B 21 -14.23 -0.06 -4.36
CA VAL B 21 -15.12 -0.24 -5.55
C VAL B 21 -14.53 -1.22 -6.57
N GLU B 22 -15.11 -1.24 -7.76
CA GLU B 22 -14.67 -2.12 -8.84
C GLU B 22 -14.74 -3.55 -8.31
N THR B 23 -15.96 -4.04 -8.18
CA THR B 23 -16.19 -5.38 -7.67
C THR B 23 -15.51 -6.39 -8.59
N PRO B 24 -14.51 -7.13 -8.07
CA PRO B 24 -13.81 -8.11 -8.89
C PRO B 24 -14.85 -9.10 -9.48
N PRO B 25 -14.65 -9.50 -10.74
CA PRO B 25 -15.54 -10.44 -11.46
C PRO B 25 -15.89 -11.68 -10.67
N GLU B 26 -14.89 -12.37 -10.13
CA GLU B 26 -15.16 -13.58 -9.35
C GLU B 26 -16.05 -13.31 -8.13
N VAL B 27 -16.00 -12.09 -7.62
CA VAL B 27 -16.82 -11.71 -6.48
C VAL B 27 -18.24 -11.54 -7.00
N VAL B 28 -18.38 -10.90 -8.16
CA VAL B 28 -19.69 -10.69 -8.77
C VAL B 28 -20.33 -12.02 -9.09
N ASP B 29 -19.53 -12.94 -9.62
CA ASP B 29 -19.99 -14.27 -9.99
C ASP B 29 -20.50 -15.04 -8.79
N PHE B 30 -19.75 -14.96 -7.68
CA PHE B 30 -20.11 -15.63 -6.45
C PHE B 30 -21.46 -15.11 -5.96
N MET B 31 -21.58 -13.79 -5.90
CA MET B 31 -22.82 -13.17 -5.46
C MET B 31 -24.00 -13.56 -6.36
N VAL B 32 -23.79 -13.58 -7.68
CA VAL B 32 -24.86 -13.94 -8.60
C VAL B 32 -25.29 -15.40 -8.45
N SER B 33 -24.41 -16.25 -7.92
CA SER B 33 -24.76 -17.64 -7.74
C SER B 33 -25.59 -17.88 -6.46
N LEU B 34 -25.62 -16.89 -5.59
CA LEU B 34 -26.39 -16.97 -4.35
C LEU B 34 -27.75 -16.31 -4.56
N ALA B 35 -27.85 -15.54 -5.63
CA ALA B 35 -29.06 -14.81 -5.96
C ALA B 35 -30.15 -15.66 -6.58
N GLU B 36 -31.40 -15.25 -6.40
CA GLU B 36 -32.53 -15.96 -6.95
C GLU B 36 -33.71 -15.00 -7.01
N ALA B 37 -34.62 -15.25 -7.94
CA ALA B 37 -35.80 -14.42 -8.10
C ALA B 37 -36.79 -15.22 -8.95
N PRO B 38 -38.09 -15.11 -8.64
CA PRO B 38 -39.13 -15.82 -9.40
C PRO B 38 -39.24 -15.23 -10.79
N ARG B 39 -39.58 -16.06 -11.77
CA ARG B 39 -39.73 -15.61 -13.16
C ARG B 39 -40.69 -14.42 -13.11
N GLY B 40 -40.24 -13.30 -13.65
CA GLY B 40 -41.06 -12.09 -13.65
C GLY B 40 -40.73 -11.14 -12.52
N GLY B 41 -39.97 -11.60 -11.54
CA GLY B 41 -39.60 -10.78 -10.41
C GLY B 41 -38.83 -9.53 -10.77
N ARG B 42 -38.89 -8.54 -9.88
CA ARG B 42 -38.18 -7.28 -10.09
C ARG B 42 -36.81 -7.37 -9.45
N VAL B 43 -35.77 -7.13 -10.24
CA VAL B 43 -34.40 -7.16 -9.77
C VAL B 43 -33.91 -5.72 -9.69
N LEU B 44 -33.33 -5.33 -8.56
CA LEU B 44 -32.88 -3.95 -8.42
C LEU B 44 -31.41 -3.88 -8.04
N GLU B 45 -30.70 -2.93 -8.64
CA GLU B 45 -29.31 -2.69 -8.29
C GLU B 45 -29.15 -1.23 -7.92
N PRO B 46 -29.01 -0.93 -6.62
CA PRO B 46 -28.85 0.44 -6.13
C PRO B 46 -27.41 0.90 -6.34
N ALA B 47 -27.24 2.17 -6.71
CA ALA B 47 -25.90 2.73 -6.94
C ALA B 47 -25.24 1.94 -8.09
N CYS B 48 -26.06 1.60 -9.08
CA CYS B 48 -25.68 0.78 -10.22
C CYS B 48 -24.63 1.26 -11.22
N ALA B 49 -24.63 2.56 -11.52
CA ALA B 49 -23.71 3.13 -12.50
C ALA B 49 -24.00 2.48 -13.85
N HIS B 50 -23.11 1.62 -14.35
CA HIS B 50 -23.37 0.95 -15.62
C HIS B 50 -24.15 -0.35 -15.46
N GLY B 51 -24.32 -0.81 -14.22
CA GLY B 51 -25.07 -2.02 -13.97
C GLY B 51 -24.38 -3.38 -14.04
N PRO B 52 -23.24 -3.57 -13.34
CA PRO B 52 -22.46 -4.82 -13.31
C PRO B 52 -23.27 -6.04 -12.85
N PHE B 53 -24.08 -5.86 -11.82
CA PHE B 53 -24.90 -6.94 -11.27
C PHE B 53 -26.12 -7.26 -12.12
N LEU B 54 -26.77 -6.23 -12.64
CA LEU B 54 -27.94 -6.41 -13.50
C LEU B 54 -27.52 -7.29 -14.68
N ARG B 55 -26.43 -6.90 -15.34
CA ARG B 55 -25.86 -7.61 -16.49
C ARG B 55 -25.48 -9.06 -16.16
N ALA B 56 -24.66 -9.23 -15.13
CA ALA B 56 -24.21 -10.56 -14.70
C ALA B 56 -25.37 -11.50 -14.31
N PHE B 57 -26.40 -10.96 -13.65
CA PHE B 57 -27.54 -11.79 -13.25
C PHE B 57 -28.30 -12.31 -14.46
N ARG B 58 -28.52 -11.42 -15.42
CA ARG B 58 -29.25 -11.75 -16.64
C ARG B 58 -28.49 -12.80 -17.44
N GLU B 59 -27.19 -12.63 -17.55
CA GLU B 59 -26.33 -13.55 -18.27
C GLU B 59 -26.27 -14.92 -17.60
N ALA B 60 -26.50 -14.97 -16.31
CA ALA B 60 -26.46 -16.24 -15.58
C ALA B 60 -27.81 -16.86 -15.31
N HIS B 61 -28.83 -16.03 -15.14
CA HIS B 61 -30.17 -16.53 -14.84
C HIS B 61 -31.22 -16.37 -15.94
N GLY B 62 -31.00 -15.48 -16.88
CA GLY B 62 -31.98 -15.30 -17.94
C GLY B 62 -32.58 -13.92 -18.02
N THR B 63 -33.40 -13.73 -19.05
CA THR B 63 -34.05 -12.45 -19.33
C THR B 63 -35.47 -12.27 -18.81
N GLY B 64 -36.09 -13.35 -18.33
CA GLY B 64 -37.45 -13.26 -17.83
C GLY B 64 -37.62 -12.53 -16.52
N TYR B 65 -37.17 -11.29 -16.44
CA TYR B 65 -37.27 -10.50 -15.21
C TYR B 65 -37.41 -9.03 -15.54
N ARG B 66 -37.80 -8.24 -14.56
CA ARG B 66 -37.89 -6.79 -14.75
C ARG B 66 -36.66 -6.21 -14.06
N PHE B 67 -35.71 -5.71 -14.84
CA PHE B 67 -34.46 -5.15 -14.28
C PHE B 67 -34.52 -3.63 -14.03
N VAL B 68 -34.19 -3.20 -12.81
CA VAL B 68 -34.22 -1.79 -12.46
C VAL B 68 -32.88 -1.38 -11.86
N GLY B 69 -32.46 -0.15 -12.14
CA GLY B 69 -31.19 0.34 -11.60
C GLY B 69 -31.37 1.76 -11.10
N VAL B 70 -30.77 2.07 -9.96
CA VAL B 70 -30.86 3.41 -9.38
C VAL B 70 -29.48 4.03 -9.20
N GLU B 71 -29.29 5.19 -9.82
CA GLU B 71 -28.03 5.91 -9.74
C GLU B 71 -28.37 7.36 -9.53
N ILE B 72 -27.51 8.05 -8.79
CA ILE B 72 -27.71 9.46 -8.45
C ILE B 72 -26.99 10.39 -9.41
N ASP B 73 -25.83 9.94 -9.88
CA ASP B 73 -24.98 10.68 -10.79
C ASP B 73 -25.42 10.44 -12.25
N PRO B 74 -25.90 11.49 -12.95
CA PRO B 74 -26.36 11.39 -14.34
C PRO B 74 -25.24 10.96 -15.28
N LYS B 75 -24.00 11.12 -14.82
CA LYS B 75 -22.81 10.76 -15.59
C LYS B 75 -22.35 9.32 -15.39
N ALA B 76 -22.89 8.64 -14.39
CA ALA B 76 -22.50 7.25 -14.13
C ALA B 76 -23.52 6.26 -14.66
N LEU B 77 -24.78 6.69 -14.69
CA LEU B 77 -25.89 5.88 -15.16
C LEU B 77 -25.69 5.53 -16.62
N ASP B 78 -25.23 4.30 -16.87
CA ASP B 78 -24.99 3.79 -18.23
C ASP B 78 -25.52 2.36 -18.28
N LEU B 79 -26.82 2.23 -18.48
CA LEU B 79 -27.46 0.93 -18.53
C LEU B 79 -28.00 0.53 -19.89
N PRO B 80 -28.08 -0.78 -20.17
CA PRO B 80 -28.59 -1.28 -21.45
C PRO B 80 -30.08 -1.00 -21.57
N PRO B 81 -30.61 -1.02 -22.81
CA PRO B 81 -32.01 -0.76 -23.13
C PRO B 81 -33.05 -1.63 -22.42
N TRP B 82 -32.64 -2.81 -21.96
CA TRP B 82 -33.53 -3.74 -21.26
C TRP B 82 -33.71 -3.41 -19.78
N ALA B 83 -32.83 -2.56 -19.24
CA ALA B 83 -32.89 -2.16 -17.84
C ALA B 83 -33.52 -0.79 -17.70
N GLU B 84 -34.39 -0.65 -16.70
CA GLU B 84 -35.07 0.60 -16.41
C GLU B 84 -34.19 1.45 -15.48
N GLY B 85 -33.60 2.50 -16.04
CA GLY B 85 -32.73 3.37 -15.27
C GLY B 85 -33.49 4.42 -14.47
N ILE B 86 -33.03 4.71 -13.25
CA ILE B 86 -33.68 5.70 -12.40
C ILE B 86 -32.65 6.59 -11.73
N LEU B 87 -32.78 7.91 -11.93
CA LEU B 87 -31.86 8.88 -11.34
C LEU B 87 -32.41 9.37 -10.01
N ALA B 88 -31.82 8.90 -8.93
CA ALA B 88 -32.28 9.30 -7.61
C ALA B 88 -31.33 8.84 -6.53
N ASP B 89 -31.51 9.39 -5.34
CA ASP B 89 -30.71 9.00 -4.18
C ASP B 89 -31.44 7.83 -3.55
N PHE B 90 -30.90 6.64 -3.79
CA PHE B 90 -31.46 5.41 -3.28
C PHE B 90 -31.94 5.56 -1.85
N LEU B 91 -31.13 6.20 -1.02
CA LEU B 91 -31.45 6.40 0.38
C LEU B 91 -32.68 7.23 0.66
N LEU B 92 -33.08 8.04 -0.29
CA LEU B 92 -34.24 8.88 -0.10
C LEU B 92 -35.34 8.61 -1.12
N TRP B 93 -35.10 7.72 -2.07
CA TRP B 93 -36.11 7.44 -3.07
C TRP B 93 -37.21 6.54 -2.55
N GLU B 94 -38.44 6.90 -2.87
CA GLU B 94 -39.62 6.17 -2.43
C GLU B 94 -40.38 5.58 -3.62
N PRO B 95 -40.05 4.33 -4.01
CA PRO B 95 -40.73 3.68 -5.14
C PRO B 95 -42.11 3.23 -4.71
N GLY B 96 -42.94 2.85 -5.67
CA GLY B 96 -44.27 2.39 -5.32
C GLY B 96 -44.32 0.88 -5.25
N GLU B 97 -43.21 0.24 -5.63
CA GLU B 97 -43.15 -1.21 -5.65
C GLU B 97 -42.01 -1.83 -4.87
N ALA B 98 -42.32 -2.96 -4.24
CA ALA B 98 -41.37 -3.74 -3.47
C ALA B 98 -40.62 -4.59 -4.49
N PHE B 99 -39.49 -5.16 -4.09
CA PHE B 99 -38.69 -5.95 -5.01
C PHE B 99 -38.47 -7.38 -4.55
N ASP B 100 -38.10 -8.21 -5.50
CA ASP B 100 -37.86 -9.61 -5.23
C ASP B 100 -36.41 -9.87 -4.91
N LEU B 101 -35.53 -9.13 -5.59
CA LEU B 101 -34.10 -9.32 -5.42
C LEU B 101 -33.41 -7.97 -5.51
N ILE B 102 -32.41 -7.78 -4.65
CA ILE B 102 -31.62 -6.56 -4.64
C ILE B 102 -30.16 -6.99 -4.56
N LEU B 103 -29.42 -6.60 -5.58
CA LEU B 103 -28.01 -6.93 -5.71
C LEU B 103 -27.20 -5.64 -5.71
N GLY B 104 -25.97 -5.70 -5.21
CA GLY B 104 -25.18 -4.50 -5.25
C GLY B 104 -23.96 -4.45 -4.37
N ASN B 105 -23.18 -3.41 -4.60
CA ASN B 105 -22.00 -3.13 -3.82
C ASN B 105 -22.25 -1.71 -3.39
N PRO B 106 -22.78 -1.52 -2.18
CA PRO B 106 -23.08 -0.20 -1.66
C PRO B 106 -21.81 0.61 -1.36
N PRO B 107 -21.90 1.95 -1.48
CA PRO B 107 -20.80 2.89 -1.23
C PRO B 107 -20.37 2.78 0.23
N TYR B 108 -19.07 2.69 0.48
CA TYR B 108 -18.55 2.59 1.84
C TYR B 108 -18.10 3.99 2.21
N GLY B 109 -18.60 4.54 3.31
CA GLY B 109 -18.17 5.87 3.70
C GLY B 109 -19.08 6.60 4.67
N ILE B 110 -18.67 7.81 5.06
CA ILE B 110 -19.43 8.63 6.00
C ILE B 110 -19.74 10.00 5.39
N VAL B 111 -20.95 10.50 5.69
CA VAL B 111 -21.45 11.81 5.24
C VAL B 111 -21.18 12.17 3.78
N GLY B 112 -20.97 11.15 2.94
CA GLY B 112 -20.69 11.38 1.54
C GLY B 112 -19.29 10.96 1.15
N VAL B 121 -24.45 20.85 1.86
CA VAL B 121 -25.02 19.56 1.41
C VAL B 121 -24.83 18.49 2.50
N PHE B 122 -23.61 17.97 2.61
CA PHE B 122 -23.23 16.95 3.60
C PHE B 122 -24.07 16.89 4.87
N LYS B 123 -23.74 17.77 5.81
CA LYS B 123 -24.43 17.86 7.10
C LYS B 123 -25.94 17.97 6.95
N ALA B 124 -26.38 18.74 5.96
CA ALA B 124 -27.80 18.95 5.70
C ALA B 124 -28.47 17.63 5.36
N VAL B 125 -27.91 16.93 4.39
CA VAL B 125 -28.45 15.65 3.95
C VAL B 125 -28.30 14.62 5.08
N LYS B 126 -27.16 14.66 5.77
CA LYS B 126 -26.90 13.73 6.86
C LYS B 126 -28.05 13.74 7.86
N ASP B 127 -28.59 14.92 8.14
CA ASP B 127 -29.70 15.07 9.06
C ASP B 127 -30.92 14.29 8.57
N LEU B 128 -31.22 14.39 7.28
CA LEU B 128 -32.34 13.67 6.69
C LEU B 128 -32.13 12.17 6.84
N TYR B 129 -30.90 11.73 6.60
CA TYR B 129 -30.56 10.32 6.73
C TYR B 129 -30.80 9.86 8.18
N LYS B 130 -30.18 10.58 9.12
CA LYS B 130 -30.29 10.26 10.54
C LYS B 130 -31.71 10.15 11.04
N LYS B 131 -32.61 10.87 10.41
CA LYS B 131 -34.00 10.84 10.81
C LYS B 131 -34.76 9.79 10.03
N ALA B 132 -34.24 9.42 8.87
CA ALA B 132 -34.89 8.42 8.03
C ALA B 132 -34.47 6.99 8.38
N PHE B 133 -33.26 6.82 8.91
CA PHE B 133 -32.76 5.51 9.25
C PHE B 133 -32.67 5.19 10.73
N SER B 134 -33.45 4.20 11.14
CA SER B 134 -33.50 3.78 12.54
C SER B 134 -32.27 3.04 13.05
N THR B 135 -31.49 2.47 12.17
CA THR B 135 -30.28 1.75 12.60
C THR B 135 -29.06 2.69 12.65
N TRP B 136 -29.28 3.98 12.39
CA TRP B 136 -28.20 4.96 12.38
C TRP B 136 -27.73 5.24 13.80
N LYS B 137 -26.49 4.87 14.10
CA LYS B 137 -25.90 5.07 15.41
C LYS B 137 -24.49 5.62 15.21
N GLY B 138 -24.06 6.51 16.08
CA GLY B 138 -22.73 7.10 15.96
C GLY B 138 -22.58 7.77 14.62
N LYS B 139 -21.36 7.75 14.08
CA LYS B 139 -21.14 8.34 12.76
C LYS B 139 -21.66 7.36 11.71
N TYR B 140 -21.89 6.12 12.15
CA TYR B 140 -22.41 5.06 11.30
C TYR B 140 -21.55 4.85 10.06
N ASN B 141 -22.21 4.57 8.94
CA ASN B 141 -21.54 4.35 7.67
C ASN B 141 -22.65 4.20 6.63
N LEU B 142 -22.42 4.78 5.46
CA LEU B 142 -23.38 4.73 4.36
C LEU B 142 -23.83 3.33 3.98
N TYR B 143 -22.94 2.35 4.02
CA TYR B 143 -23.33 0.98 3.67
C TYR B 143 -24.37 0.39 4.63
N GLY B 144 -24.42 0.91 5.85
CA GLY B 144 -25.40 0.42 6.82
C GLY B 144 -26.78 0.91 6.44
N ALA B 145 -26.85 2.17 6.01
CA ALA B 145 -28.11 2.80 5.59
C ALA B 145 -28.64 2.11 4.33
N PHE B 146 -27.74 1.75 3.42
CA PHE B 146 -28.10 1.05 2.18
C PHE B 146 -28.72 -0.31 2.53
N LEU B 147 -28.13 -0.98 3.51
CA LEU B 147 -28.64 -2.27 3.96
C LEU B 147 -30.07 -2.12 4.48
N GLU B 148 -30.30 -1.16 5.38
CA GLU B 148 -31.64 -0.93 5.94
C GLU B 148 -32.65 -0.55 4.88
N LYS B 149 -32.27 0.35 3.99
CA LYS B 149 -33.14 0.79 2.90
C LYS B 149 -33.50 -0.43 2.03
N ALA B 150 -32.50 -1.22 1.68
CA ALA B 150 -32.69 -2.42 0.86
C ALA B 150 -33.67 -3.39 1.49
N VAL B 151 -33.49 -3.67 2.77
CA VAL B 151 -34.39 -4.59 3.47
C VAL B 151 -35.82 -4.08 3.44
N ARG B 152 -35.98 -2.77 3.56
CA ARG B 152 -37.31 -2.17 3.57
C ARG B 152 -38.00 -2.16 2.21
N LEU B 153 -37.23 -2.27 1.13
CA LEU B 153 -37.80 -2.29 -0.21
C LEU B 153 -38.05 -3.72 -0.69
N LEU B 154 -37.67 -4.69 0.14
CA LEU B 154 -37.82 -6.09 -0.15
C LEU B 154 -39.24 -6.56 0.16
N LYS B 155 -39.81 -7.38 -0.71
CA LYS B 155 -41.14 -7.87 -0.43
C LYS B 155 -40.92 -9.14 0.39
N PRO B 156 -41.95 -9.59 1.11
CA PRO B 156 -41.81 -10.79 1.91
C PRO B 156 -41.23 -11.95 1.10
N GLY B 157 -40.19 -12.57 1.64
CA GLY B 157 -39.55 -13.67 0.96
C GLY B 157 -38.46 -13.18 0.03
N GLY B 158 -38.37 -11.86 -0.15
CA GLY B 158 -37.37 -11.26 -1.02
C GLY B 158 -35.96 -11.57 -0.55
N VAL B 159 -34.98 -11.40 -1.45
CA VAL B 159 -33.59 -11.72 -1.15
C VAL B 159 -32.65 -10.58 -1.55
N LEU B 160 -31.67 -10.26 -0.71
CA LEU B 160 -30.68 -9.23 -1.04
C LEU B 160 -29.31 -9.87 -0.92
N VAL B 161 -28.39 -9.48 -1.79
CA VAL B 161 -27.03 -9.98 -1.72
C VAL B 161 -26.16 -8.75 -1.92
N PHE B 162 -25.35 -8.42 -0.92
CA PHE B 162 -24.50 -7.23 -0.94
C PHE B 162 -23.08 -7.60 -0.53
N VAL B 163 -22.10 -6.83 -1.02
CA VAL B 163 -20.70 -7.02 -0.61
C VAL B 163 -20.51 -5.79 0.28
N VAL B 164 -20.07 -5.99 1.52
CA VAL B 164 -19.85 -4.87 2.44
C VAL B 164 -18.64 -5.15 3.34
N PRO B 165 -18.12 -4.13 4.01
CA PRO B 165 -16.98 -4.34 4.90
C PRO B 165 -17.42 -5.22 6.07
N ALA B 166 -16.49 -5.93 6.67
CA ALA B 166 -16.80 -6.81 7.78
C ALA B 166 -16.95 -6.08 9.13
N THR B 167 -16.76 -4.76 9.14
CA THR B 167 -16.84 -3.98 10.38
C THR B 167 -18.15 -4.09 11.17
N TRP B 168 -19.27 -4.23 10.49
CA TRP B 168 -20.57 -4.35 11.16
C TRP B 168 -20.73 -5.61 12.01
N LEU B 169 -19.80 -6.56 11.88
CA LEU B 169 -19.85 -7.80 12.66
C LEU B 169 -19.52 -7.56 14.11
N VAL B 170 -18.56 -6.68 14.37
CA VAL B 170 -18.14 -6.39 15.72
C VAL B 170 -18.28 -4.97 16.25
N LEU B 171 -18.25 -3.96 15.39
CA LEU B 171 -18.33 -2.58 15.86
C LEU B 171 -19.64 -2.15 16.51
N GLU B 172 -19.50 -1.33 17.55
CA GLU B 172 -20.60 -0.79 18.33
C GLU B 172 -21.64 -0.01 17.54
N ASP B 173 -21.18 0.82 16.60
CA ASP B 173 -22.07 1.64 15.77
C ASP B 173 -23.03 0.83 14.91
N PHE B 174 -22.76 -0.47 14.79
CA PHE B 174 -23.59 -1.33 13.98
C PHE B 174 -24.50 -2.26 14.78
N ALA B 175 -24.57 -2.03 16.09
CA ALA B 175 -25.39 -2.81 16.99
C ALA B 175 -26.86 -2.80 16.61
N LEU B 176 -27.37 -1.63 16.25
CA LEU B 176 -28.78 -1.50 15.86
C LEU B 176 -29.05 -2.16 14.52
N LEU B 177 -28.07 -2.09 13.61
CA LEU B 177 -28.18 -2.71 12.30
C LEU B 177 -28.31 -4.21 12.48
N ARG B 178 -27.52 -4.76 13.39
CA ARG B 178 -27.53 -6.18 13.69
C ARG B 178 -28.87 -6.65 14.26
N GLU B 179 -29.44 -5.88 15.17
CA GLU B 179 -30.73 -6.25 15.72
C GLU B 179 -31.79 -6.26 14.62
N PHE B 180 -31.78 -5.20 13.81
CA PHE B 180 -32.70 -5.02 12.69
C PHE B 180 -32.72 -6.25 11.79
N LEU B 181 -31.54 -6.64 11.31
CA LEU B 181 -31.41 -7.80 10.44
C LEU B 181 -31.92 -9.06 11.11
N ALA B 182 -31.50 -9.28 12.35
CA ALA B 182 -31.90 -10.46 13.10
C ALA B 182 -33.42 -10.62 13.21
N ARG B 183 -34.11 -9.51 13.43
CA ARG B 183 -35.55 -9.56 13.56
C ARG B 183 -36.35 -9.49 12.26
N GLU B 184 -35.72 -9.02 11.19
CA GLU B 184 -36.41 -8.90 9.91
C GLU B 184 -36.33 -10.14 9.03
N GLY B 185 -35.34 -11.00 9.23
CA GLY B 185 -35.25 -12.17 8.38
C GLY B 185 -34.10 -13.08 8.71
N LYS B 186 -33.75 -13.94 7.75
CA LYS B 186 -32.65 -14.89 7.90
C LYS B 186 -31.41 -14.33 7.22
N THR B 187 -30.29 -14.33 7.95
CA THR B 187 -29.03 -13.78 7.45
C THR B 187 -27.91 -14.81 7.30
N SER B 188 -27.22 -14.76 6.15
CA SER B 188 -26.08 -15.63 5.88
C SER B 188 -24.90 -14.70 5.58
N VAL B 189 -23.78 -14.95 6.24
CA VAL B 189 -22.60 -14.12 6.06
C VAL B 189 -21.46 -14.94 5.53
N TYR B 190 -20.93 -14.56 4.37
CA TYR B 190 -19.82 -15.26 3.72
C TYR B 190 -18.56 -14.42 3.83
N TYR B 191 -17.57 -14.93 4.53
CA TYR B 191 -16.34 -14.17 4.71
C TYR B 191 -15.46 -14.30 3.48
N LEU B 192 -15.16 -13.16 2.85
CA LEU B 192 -14.28 -13.15 1.67
C LEU B 192 -12.91 -12.64 2.07
N GLY B 193 -12.87 -11.54 2.84
CA GLY B 193 -11.61 -10.98 3.26
C GLY B 193 -11.19 -9.77 2.44
N GLU B 194 -9.89 -9.58 2.31
CA GLU B 194 -9.37 -8.46 1.56
C GLU B 194 -9.22 -8.84 0.10
N VAL B 195 -10.36 -8.82 -0.59
CA VAL B 195 -10.46 -9.17 -2.00
C VAL B 195 -10.42 -8.00 -2.98
N PHE B 196 -10.66 -6.78 -2.48
CA PHE B 196 -10.64 -5.60 -3.33
C PHE B 196 -9.19 -5.13 -3.49
N PRO B 197 -8.92 -4.39 -4.56
CA PRO B 197 -7.59 -3.86 -4.85
C PRO B 197 -7.00 -3.11 -3.66
N GLN B 198 -7.79 -2.24 -3.04
CA GLN B 198 -7.30 -1.51 -1.87
C GLN B 198 -7.32 -2.55 -0.76
N LYS B 199 -6.15 -2.87 -0.24
CA LYS B 199 -5.97 -3.91 0.77
C LYS B 199 -6.32 -3.75 2.23
N LYS B 200 -6.85 -2.63 2.68
CA LYS B 200 -7.16 -2.60 4.10
C LYS B 200 -8.64 -2.70 4.46
N VAL B 201 -9.42 -3.27 3.55
CA VAL B 201 -10.84 -3.44 3.78
C VAL B 201 -11.16 -4.94 3.67
N SER B 202 -11.73 -5.49 4.74
CA SER B 202 -12.09 -6.89 4.74
C SER B 202 -13.57 -6.93 4.37
N ALA B 203 -13.88 -7.66 3.32
CA ALA B 203 -15.26 -7.75 2.85
C ALA B 203 -15.97 -9.00 3.31
N VAL B 204 -17.29 -8.90 3.26
CA VAL B 204 -18.17 -9.97 3.66
C VAL B 204 -19.38 -9.88 2.72
N VAL B 205 -19.89 -11.02 2.27
CA VAL B 205 -21.08 -11.03 1.42
C VAL B 205 -22.22 -11.38 2.36
N ILE B 206 -23.25 -10.56 2.39
CA ILE B 206 -24.39 -10.85 3.23
C ILE B 206 -25.57 -11.23 2.31
N ARG B 207 -26.14 -12.41 2.54
CA ARG B 207 -27.29 -12.87 1.79
C ARG B 207 -28.41 -12.87 2.80
N PHE B 208 -29.35 -11.96 2.64
CA PHE B 208 -30.48 -11.80 3.57
C PHE B 208 -31.79 -12.17 2.91
N GLN B 209 -32.58 -13.00 3.57
CA GLN B 209 -33.87 -13.39 3.04
C GLN B 209 -34.90 -12.85 3.98
N LYS B 210 -35.77 -11.98 3.47
CA LYS B 210 -36.82 -11.39 4.28
C LYS B 210 -37.88 -12.41 4.67
N SER B 211 -37.42 -13.48 5.31
CA SER B 211 -38.26 -14.59 5.76
C SER B 211 -37.51 -15.02 7.01
N GLY B 212 -37.91 -14.40 8.13
CA GLY B 212 -37.31 -14.64 9.43
C GLY B 212 -36.70 -15.98 9.73
N LYS B 213 -35.55 -15.96 10.40
CA LYS B 213 -34.81 -17.16 10.82
C LYS B 213 -33.57 -16.70 11.59
N GLY B 214 -32.45 -17.41 11.50
CA GLY B 214 -31.29 -16.98 12.27
C GLY B 214 -30.11 -16.44 11.49
N LEU B 215 -28.93 -16.95 11.80
CA LEU B 215 -27.70 -16.50 11.16
C LEU B 215 -26.87 -17.73 10.83
N SER B 216 -26.21 -17.72 9.67
CA SER B 216 -25.34 -18.81 9.25
C SER B 216 -24.02 -18.13 8.91
N LEU B 217 -22.93 -18.64 9.47
CA LEU B 217 -21.62 -18.07 9.21
C LEU B 217 -20.90 -19.03 8.28
N TRP B 218 -20.47 -18.53 7.14
CA TRP B 218 -19.77 -19.35 6.18
C TRP B 218 -18.40 -18.75 5.98
N ASP B 219 -17.47 -19.61 5.59
CA ASP B 219 -16.11 -19.23 5.31
C ASP B 219 -16.02 -19.49 3.80
N THR B 220 -14.94 -19.06 3.15
CA THR B 220 -14.80 -19.33 1.74
C THR B 220 -13.37 -19.69 1.47
N GLN B 221 -13.15 -20.33 0.35
CA GLN B 221 -11.83 -20.73 -0.08
C GLN B 221 -11.71 -20.15 -1.49
N GLU B 222 -10.63 -19.42 -1.73
CA GLU B 222 -10.40 -18.82 -3.04
C GLU B 222 -9.53 -19.78 -3.84
N SER B 223 -9.96 -20.05 -5.07
CA SER B 223 -9.22 -20.93 -5.97
C SER B 223 -9.29 -20.27 -7.35
N GLU B 224 -8.73 -20.96 -8.34
CA GLU B 224 -8.72 -20.43 -9.71
C GLU B 224 -10.13 -20.18 -10.29
N SER B 225 -11.11 -20.96 -9.84
CA SER B 225 -12.49 -20.84 -10.30
C SER B 225 -13.28 -19.81 -9.50
N GLY B 226 -12.66 -19.22 -8.48
CA GLY B 226 -13.37 -18.24 -7.68
C GLY B 226 -13.47 -18.73 -6.26
N PHE B 227 -14.61 -18.45 -5.62
CA PHE B 227 -14.82 -18.84 -4.24
C PHE B 227 -15.74 -20.02 -4.05
N THR B 228 -15.42 -20.83 -3.04
CA THR B 228 -16.19 -22.01 -2.66
C THR B 228 -16.60 -21.79 -1.20
N PRO B 229 -17.89 -21.86 -0.89
CA PRO B 229 -18.35 -21.66 0.49
C PRO B 229 -18.12 -22.89 1.36
N ILE B 230 -17.97 -22.66 2.65
CA ILE B 230 -17.77 -23.73 3.63
C ILE B 230 -18.53 -23.27 4.90
N LEU B 231 -19.62 -23.97 5.22
CA LEU B 231 -20.42 -23.62 6.39
C LEU B 231 -19.56 -23.75 7.63
N TRP B 232 -19.54 -22.70 8.44
CA TRP B 232 -18.75 -22.71 9.64
C TRP B 232 -19.60 -23.02 10.86
N ALA B 233 -20.63 -22.22 11.08
CA ALA B 233 -21.49 -22.42 12.24
C ALA B 233 -22.79 -21.72 11.99
N GLU B 234 -23.83 -22.16 12.68
CA GLU B 234 -25.15 -21.58 12.55
C GLU B 234 -25.69 -21.13 13.90
N TYR B 235 -26.39 -20.01 13.91
CA TYR B 235 -26.95 -19.43 15.13
C TYR B 235 -28.43 -19.21 14.89
N PRO B 236 -29.23 -20.25 15.08
CA PRO B 236 -30.68 -20.19 14.88
C PRO B 236 -31.43 -19.22 15.78
N HIS B 237 -30.79 -18.82 16.87
CA HIS B 237 -31.43 -17.91 17.81
C HIS B 237 -30.79 -16.52 17.80
N TRP B 238 -29.98 -16.24 16.79
CA TRP B 238 -29.31 -14.94 16.71
C TRP B 238 -30.29 -13.82 16.89
N GLU B 239 -29.90 -12.82 17.68
CA GLU B 239 -30.74 -11.66 17.92
C GLU B 239 -29.97 -10.34 17.72
N GLY B 240 -28.78 -10.43 17.12
CA GLY B 240 -27.99 -9.24 16.89
C GLY B 240 -26.65 -9.17 17.60
N GLU B 241 -26.23 -10.26 18.24
CA GLU B 241 -24.94 -10.29 18.96
C GLU B 241 -23.79 -10.20 17.99
N ILE B 242 -22.60 -9.80 18.47
CA ILE B 242 -21.46 -9.71 17.58
C ILE B 242 -21.18 -11.08 16.98
N ILE B 243 -20.74 -11.07 15.73
CA ILE B 243 -20.47 -12.29 14.98
C ILE B 243 -18.97 -12.55 15.02
N ARG B 244 -18.60 -13.80 15.36
CA ARG B 244 -17.19 -14.20 15.45
C ARG B 244 -17.01 -15.63 14.94
N PHE B 245 -15.79 -15.97 14.57
CA PHE B 245 -15.48 -17.31 14.10
C PHE B 245 -15.07 -18.15 15.31
N GLU B 246 -16.05 -18.83 15.90
CA GLU B 246 -15.81 -19.66 17.06
C GLU B 246 -15.37 -21.08 16.72
N THR B 247 -14.61 -21.68 17.61
CA THR B 247 -14.17 -23.05 17.46
C THR B 247 -14.28 -23.66 18.86
N GLU B 248 -14.10 -24.97 18.96
CA GLU B 248 -14.16 -25.65 20.25
C GLU B 248 -13.10 -25.13 21.21
N GLU B 249 -11.92 -24.77 20.69
CA GLU B 249 -10.84 -24.24 21.52
C GLU B 249 -11.11 -22.83 22.05
N THR B 250 -11.79 -21.99 21.28
CA THR B 250 -12.06 -20.64 21.77
C THR B 250 -13.11 -20.73 22.88
N ARG B 251 -14.11 -21.58 22.65
CA ARG B 251 -15.19 -21.82 23.60
C ARG B 251 -14.59 -22.31 24.92
N LYS B 252 -13.70 -23.29 24.81
CA LYS B 252 -13.01 -23.87 25.95
C LYS B 252 -12.24 -22.83 26.75
N LEU B 253 -11.41 -22.04 26.07
CA LEU B 253 -10.62 -21.01 26.74
C LEU B 253 -11.51 -20.01 27.44
N GLU B 254 -12.65 -19.69 26.83
CA GLU B 254 -13.55 -18.73 27.42
C GLU B 254 -14.33 -19.20 28.63
N ILE B 255 -14.70 -20.49 28.68
CA ILE B 255 -15.46 -20.98 29.83
C ILE B 255 -14.56 -21.27 31.03
N SER B 256 -13.29 -21.53 30.78
CA SER B 256 -12.34 -21.84 31.84
C SER B 256 -11.55 -20.65 32.38
N GLY B 257 -12.02 -19.44 32.10
CA GLY B 257 -11.34 -18.26 32.58
C GLY B 257 -12.38 -17.21 32.83
N MET B 258 -12.00 -16.12 33.46
CA MET B 258 -12.96 -15.07 33.72
C MET B 258 -12.69 -13.92 32.76
N PRO B 259 -13.74 -13.26 32.27
CA PRO B 259 -13.51 -12.16 31.34
C PRO B 259 -12.72 -11.03 32.00
N LEU B 260 -11.70 -10.57 31.30
CA LEU B 260 -10.86 -9.48 31.76
C LEU B 260 -11.73 -8.29 32.17
N GLY B 261 -12.90 -8.15 31.53
CA GLY B 261 -13.81 -7.07 31.84
C GLY B 261 -14.51 -7.19 33.19
N ASP B 262 -14.30 -8.31 33.88
CA ASP B 262 -14.87 -8.56 35.21
C ASP B 262 -13.87 -8.19 36.30
N LEU B 263 -12.60 -8.18 35.92
CA LEU B 263 -11.52 -7.89 36.85
C LEU B 263 -11.01 -6.47 36.79
N PHE B 264 -11.17 -5.82 35.65
CA PHE B 264 -10.68 -4.46 35.47
C PHE B 264 -11.65 -3.42 34.91
N HIS B 265 -11.35 -2.17 35.24
CA HIS B 265 -12.09 -1.02 34.74
C HIS B 265 -11.24 -0.64 33.54
N ILE B 266 -11.86 -0.43 32.40
CA ILE B 266 -11.14 -0.07 31.19
C ILE B 266 -11.29 1.43 30.97
N ARG B 267 -10.22 2.16 31.19
CA ARG B 267 -10.24 3.61 31.04
C ARG B 267 -9.55 4.07 29.76
N PHE B 268 -9.81 5.31 29.37
CA PHE B 268 -9.21 5.88 28.17
C PHE B 268 -8.34 7.10 28.51
N ALA B 269 -7.24 7.22 27.78
CA ALA B 269 -6.26 8.31 27.95
C ALA B 269 -6.86 9.66 27.54
N ALA B 270 -6.26 10.74 28.03
CA ALA B 270 -6.73 12.07 27.67
C ALA B 270 -6.20 12.29 26.25
N ARG B 271 -6.98 12.96 25.42
CA ARG B 271 -6.55 13.22 24.05
C ARG B 271 -5.47 14.28 24.03
N SER B 272 -4.63 14.23 22.99
CA SER B 272 -3.51 15.17 22.82
C SER B 272 -3.85 16.62 23.18
N PRO B 273 -5.03 17.13 22.73
CA PRO B 273 -5.44 18.50 23.03
C PRO B 273 -5.42 18.83 24.52
N GLU B 274 -6.02 17.96 25.33
CA GLU B 274 -6.08 18.21 26.76
C GLU B 274 -4.70 18.45 27.32
N PHE B 275 -3.70 17.78 26.75
CA PHE B 275 -2.33 17.94 27.20
C PHE B 275 -1.83 19.33 26.83
N LYS B 276 -2.05 19.72 25.58
CA LYS B 276 -1.62 21.02 25.08
C LYS B 276 -2.28 22.18 25.80
N LYS B 277 -3.53 21.97 26.23
CA LYS B 277 -4.28 23.00 26.97
C LYS B 277 -4.00 22.94 28.45
N HIS B 278 -3.06 22.09 28.85
CA HIS B 278 -2.72 21.97 30.26
C HIS B 278 -1.38 22.67 30.49
N PRO B 279 -1.34 23.61 31.46
CA PRO B 279 -0.10 24.32 31.78
C PRO B 279 0.93 23.29 32.25
N ALA B 280 2.18 23.68 32.44
CA ALA B 280 3.21 22.72 32.88
C ALA B 280 3.59 21.75 31.78
N VAL B 281 2.78 21.68 30.72
CA VAL B 281 3.07 20.81 29.58
C VAL B 281 3.97 21.60 28.64
N ARG B 282 5.19 21.09 28.44
CA ARG B 282 6.19 21.72 27.58
C ARG B 282 6.25 20.99 26.26
N LYS B 283 6.93 21.60 25.30
CA LYS B 283 7.10 20.99 23.99
C LYS B 283 8.60 20.81 23.74
N GLU B 284 9.39 20.97 24.80
CA GLU B 284 10.84 20.84 24.76
C GLU B 284 11.16 20.17 26.08
N PRO B 285 12.17 19.29 26.10
CA PRO B 285 12.51 18.64 27.37
C PRO B 285 13.08 19.60 28.42
N GLY B 286 13.48 19.03 29.54
CA GLY B 286 14.04 19.79 30.63
C GLY B 286 14.17 18.89 31.83
N PRO B 287 14.83 19.34 32.90
CA PRO B 287 14.97 18.48 34.08
C PRO B 287 13.61 18.39 34.77
N GLY B 288 13.29 17.20 35.29
CA GLY B 288 12.02 17.03 35.97
C GLY B 288 10.86 16.77 35.03
N LEU B 289 11.14 16.77 33.74
CA LEU B 289 10.11 16.53 32.73
C LEU B 289 10.14 15.08 32.26
N VAL B 290 8.94 14.55 31.99
CA VAL B 290 8.73 13.18 31.56
C VAL B 290 7.99 13.19 30.19
N PRO B 291 8.34 12.27 29.27
CA PRO B 291 7.64 12.27 27.97
C PRO B 291 6.22 11.73 28.06
N VAL B 292 5.32 12.34 27.31
CA VAL B 292 3.93 11.86 27.27
C VAL B 292 4.05 10.68 26.31
N LEU B 293 3.76 9.48 26.83
CA LEU B 293 3.89 8.26 26.05
C LEU B 293 2.78 7.97 25.06
N THR B 294 3.14 7.25 24.00
CA THR B 294 2.20 6.87 22.95
C THR B 294 2.35 5.38 22.72
N GLY B 295 1.60 4.87 21.75
CA GLY B 295 1.64 3.45 21.40
C GLY B 295 3.00 2.92 20.98
N ARG B 296 3.91 3.80 20.57
CA ARG B 296 5.23 3.37 20.16
C ARG B 296 6.13 3.07 21.34
N ASN B 297 5.70 3.51 22.52
CA ASN B 297 6.47 3.28 23.73
C ASN B 297 6.08 1.94 24.34
N LEU B 298 4.92 1.43 23.92
CA LEU B 298 4.38 0.18 24.42
C LEU B 298 4.94 -1.01 23.66
N LYS B 299 5.67 -1.87 24.35
CA LYS B 299 6.22 -3.05 23.71
C LYS B 299 5.58 -4.24 24.37
N PRO B 300 5.69 -5.42 23.74
CA PRO B 300 5.09 -6.61 24.33
C PRO B 300 5.82 -7.03 25.61
N GLY B 301 5.29 -6.63 26.75
CA GLY B 301 5.92 -6.99 28.01
C GLY B 301 6.73 -5.90 28.67
N TRP B 302 6.93 -4.78 27.96
CA TRP B 302 7.70 -3.68 28.50
C TRP B 302 7.34 -2.34 27.89
N VAL B 303 7.74 -1.27 28.57
CA VAL B 303 7.47 0.09 28.13
C VAL B 303 8.79 0.79 27.95
N ASP B 304 8.93 1.47 26.82
CA ASP B 304 10.16 2.21 26.55
C ASP B 304 9.89 3.61 27.04
N TYR B 305 10.37 3.91 28.23
CA TYR B 305 10.17 5.21 28.84
C TYR B 305 11.07 6.29 28.27
N GLU B 306 12.07 5.88 27.49
CA GLU B 306 13.04 6.81 26.91
C GLU B 306 12.60 7.68 25.73
N LYS B 307 12.32 7.03 24.60
CA LYS B 307 11.94 7.76 23.39
C LYS B 307 10.60 8.46 23.45
N ASN B 308 10.61 9.74 23.09
CA ASN B 308 9.41 10.56 23.06
C ASN B 308 8.92 10.52 21.62
N HIS B 309 7.63 10.23 21.43
CA HIS B 309 7.03 10.15 20.10
C HIS B 309 5.86 11.10 19.97
N SER B 310 5.59 11.86 21.04
CA SER B 310 4.50 12.80 21.04
C SER B 310 4.95 14.24 20.86
N GLY B 311 6.18 14.51 21.28
CA GLY B 311 6.69 15.86 21.19
C GLY B 311 6.11 16.71 22.32
N LEU B 312 5.68 16.05 23.38
CA LEU B 312 5.12 16.71 24.55
C LEU B 312 5.79 16.16 25.79
N TRP B 313 6.07 17.04 26.73
CA TRP B 313 6.74 16.67 27.97
C TRP B 313 5.95 17.38 29.07
N MET B 314 6.03 16.86 30.28
CA MET B 314 5.32 17.47 31.40
C MET B 314 5.84 16.89 32.70
N PRO B 315 5.65 17.62 33.81
CA PRO B 315 6.12 17.13 35.10
C PRO B 315 5.28 15.90 35.46
N LYS B 316 5.93 14.75 35.58
CA LYS B 316 5.28 13.49 35.88
C LYS B 316 4.19 13.62 36.94
N GLU B 317 4.55 14.14 38.10
CA GLU B 317 3.62 14.30 39.21
C GLU B 317 2.38 15.17 38.89
N ARG B 318 2.37 15.82 37.75
CA ARG B 318 1.26 16.67 37.35
C ARG B 318 0.26 15.94 36.46
N ALA B 319 0.62 14.75 36.00
CA ALA B 319 -0.24 13.94 35.11
C ALA B 319 -1.56 13.58 35.78
N LYS B 320 -1.51 13.44 37.10
CA LYS B 320 -2.67 13.12 37.94
C LYS B 320 -3.84 14.07 37.66
N GLU B 321 -3.51 15.29 37.27
CA GLU B 321 -4.52 16.30 36.99
C GLU B 321 -5.31 16.11 35.71
N LEU B 322 -4.78 15.33 34.77
CA LEU B 322 -5.47 15.04 33.50
C LEU B 322 -6.39 13.83 33.72
N ARG B 323 -5.84 12.78 34.34
CA ARG B 323 -6.58 11.56 34.65
C ARG B 323 -5.92 11.00 35.90
N ASP B 324 -6.74 10.71 36.91
CA ASP B 324 -6.24 10.18 38.18
C ASP B 324 -5.37 8.94 38.08
N PHE B 325 -5.76 8.00 37.20
CA PHE B 325 -5.00 6.77 37.04
C PHE B 325 -3.58 6.93 36.51
N TYR B 326 -3.24 8.12 36.03
CA TYR B 326 -1.89 8.37 35.55
C TYR B 326 -0.91 8.28 36.73
N ALA B 327 -1.42 8.49 37.93
CA ALA B 327 -0.62 8.45 39.16
C ALA B 327 -0.44 7.05 39.74
N THR B 328 -1.20 6.09 39.24
CA THR B 328 -1.19 4.70 39.70
C THR B 328 -0.59 3.73 38.67
N PRO B 329 0.41 2.94 39.06
CA PRO B 329 1.01 2.00 38.10
C PRO B 329 -0.10 1.03 37.69
N HIS B 330 -0.23 0.79 36.39
CA HIS B 330 -1.27 -0.11 35.92
C HIS B 330 -0.92 -0.81 34.61
N LEU B 331 -1.84 -1.64 34.16
CA LEU B 331 -1.68 -2.41 32.94
C LEU B 331 -2.11 -1.61 31.72
N VAL B 332 -1.30 -1.63 30.66
CA VAL B 332 -1.65 -0.92 29.43
C VAL B 332 -1.76 -1.91 28.27
N VAL B 333 -2.90 -1.90 27.59
CA VAL B 333 -3.16 -2.79 26.44
C VAL B 333 -3.34 -1.89 25.21
N ALA B 334 -2.69 -2.26 24.12
CA ALA B 334 -2.78 -1.46 22.91
C ALA B 334 -4.05 -1.62 22.06
N HIS B 335 -4.47 -0.52 21.47
CA HIS B 335 -5.60 -0.51 20.57
C HIS B 335 -5.12 -0.04 19.18
N THR B 336 -3.87 0.41 19.10
CA THR B 336 -3.29 0.91 17.84
C THR B 336 -2.47 -0.11 17.04
N LYS B 337 -2.10 -1.22 17.67
CA LYS B 337 -1.27 -2.24 17.01
C LYS B 337 -1.99 -3.34 16.27
N GLY B 338 -3.22 -3.08 15.83
CA GLY B 338 -3.95 -4.08 15.09
C GLY B 338 -4.79 -5.01 15.93
N THR B 339 -5.15 -6.15 15.35
CA THR B 339 -5.97 -7.14 16.03
C THR B 339 -5.09 -8.15 16.74
N ARG B 340 -4.44 -7.71 17.81
CA ARG B 340 -3.59 -8.57 18.62
C ARG B 340 -3.45 -7.94 20.02
N VAL B 341 -3.11 -8.75 21.00
CA VAL B 341 -3.00 -8.25 22.35
C VAL B 341 -1.54 -7.94 22.70
N VAL B 342 -1.22 -6.66 22.81
CA VAL B 342 0.13 -6.23 23.18
C VAL B 342 -0.08 -5.55 24.52
N ALA B 343 0.52 -6.10 25.58
CA ALA B 343 0.34 -5.55 26.91
C ALA B 343 1.62 -5.35 27.70
N ALA B 344 1.57 -4.43 28.65
CA ALA B 344 2.69 -4.14 29.52
C ALA B 344 2.20 -3.50 30.81
N TRP B 345 3.00 -3.56 31.86
CA TRP B 345 2.66 -2.96 33.13
C TRP B 345 3.46 -1.68 33.26
N ASP B 346 2.77 -0.57 33.41
CA ASP B 346 3.43 0.72 33.57
C ASP B 346 3.78 0.90 35.06
N GLU B 347 4.91 0.33 35.47
CA GLU B 347 5.35 0.40 36.87
C GLU B 347 5.70 1.81 37.34
N ARG B 348 6.11 2.66 36.41
CA ARG B 348 6.49 4.03 36.72
C ARG B 348 5.31 4.99 36.76
N ALA B 349 4.21 4.63 36.11
CA ALA B 349 3.03 5.47 36.05
C ALA B 349 3.27 6.80 35.33
N TYR B 350 3.49 6.72 34.02
CA TYR B 350 3.74 7.90 33.19
C TYR B 350 2.44 8.31 32.50
N PRO B 351 2.42 9.53 31.93
CA PRO B 351 1.22 10.01 31.22
C PRO B 351 1.15 9.38 29.83
N TRP B 352 -0.04 9.00 29.40
CA TRP B 352 -0.25 8.38 28.09
C TRP B 352 -1.18 9.19 27.24
N ARG B 353 -0.88 9.26 25.94
CA ARG B 353 -1.71 10.00 25.01
C ARG B 353 -2.78 9.10 24.39
N GLU B 354 -2.64 7.79 24.59
CA GLU B 354 -3.57 6.80 24.01
C GLU B 354 -3.47 5.42 24.66
N GLU B 355 -4.07 4.44 23.99
CA GLU B 355 -4.13 3.03 24.39
C GLU B 355 -5.17 2.78 25.49
N PHE B 356 -5.36 1.51 25.86
CA PHE B 356 -6.32 1.13 26.90
C PHE B 356 -5.65 1.07 28.26
N HIS B 357 -6.32 1.60 29.28
CA HIS B 357 -5.75 1.60 30.62
C HIS B 357 -6.64 0.84 31.58
N LEU B 358 -6.09 -0.26 32.08
CA LEU B 358 -6.83 -1.14 32.97
C LEU B 358 -6.51 -0.99 34.44
N LEU B 359 -7.55 -0.75 35.22
CA LEU B 359 -7.41 -0.59 36.66
C LEU B 359 -8.22 -1.72 37.30
N PRO B 360 -7.56 -2.55 38.13
CA PRO B 360 -8.26 -3.67 38.79
C PRO B 360 -9.50 -3.24 39.56
N LYS B 361 -10.52 -4.08 39.55
CA LYS B 361 -11.75 -3.77 40.25
C LYS B 361 -11.64 -3.99 41.75
N GLU B 362 -12.61 -3.47 42.49
CA GLU B 362 -12.64 -3.60 43.94
C GLU B 362 -12.53 -5.06 44.40
N GLY B 363 -11.47 -5.35 45.17
CA GLY B 363 -11.29 -6.70 45.69
C GLY B 363 -10.61 -7.66 44.75
N VAL B 364 -10.09 -7.16 43.63
CA VAL B 364 -9.42 -8.02 42.67
C VAL B 364 -7.94 -8.04 42.99
N ARG B 365 -7.37 -9.23 43.09
CA ARG B 365 -5.94 -9.35 43.35
C ARG B 365 -5.34 -10.12 42.18
N LEU B 366 -4.18 -9.67 41.71
CA LEU B 366 -3.54 -10.29 40.56
C LEU B 366 -2.03 -10.28 40.59
N ASP B 367 -1.43 -11.09 39.74
CA ASP B 367 0.03 -11.16 39.61
C ASP B 367 0.34 -10.55 38.22
N PRO B 368 0.69 -9.25 38.21
CA PRO B 368 1.02 -8.47 37.00
C PRO B 368 1.93 -9.16 36.01
N SER B 369 3.09 -9.62 36.48
CA SER B 369 4.06 -10.26 35.61
C SER B 369 3.49 -11.45 34.86
N THR B 370 2.72 -12.29 35.54
CA THR B 370 2.14 -13.45 34.88
C THR B 370 0.95 -13.07 34.03
N LEU B 371 0.18 -12.07 34.48
CA LEU B 371 -0.95 -11.60 33.71
C LEU B 371 -0.37 -11.13 32.37
N VAL B 372 0.56 -10.20 32.43
CA VAL B 372 1.20 -9.65 31.23
C VAL B 372 1.73 -10.74 30.31
N GLN B 373 2.45 -11.71 30.86
CA GLN B 373 3.00 -12.83 30.09
C GLN B 373 1.87 -13.57 29.37
N TRP B 374 0.78 -13.80 30.08
CA TRP B 374 -0.40 -14.48 29.57
C TRP B 374 -1.07 -13.72 28.39
N LEU B 375 -1.23 -12.41 28.53
CA LEU B 375 -1.86 -11.61 27.48
C LEU B 375 -1.04 -11.52 26.20
N ASN B 376 0.28 -11.49 26.32
CA ASN B 376 1.16 -11.41 25.15
C ASN B 376 1.47 -12.78 24.57
N SER B 377 0.96 -13.85 25.19
CA SER B 377 1.27 -15.20 24.72
C SER B 377 0.70 -15.56 23.35
N GLU B 378 1.26 -16.63 22.78
CA GLU B 378 0.83 -17.14 21.48
C GLU B 378 -0.61 -17.63 21.53
N ALA B 379 -0.98 -18.29 22.61
CA ALA B 379 -2.34 -18.79 22.76
C ALA B 379 -3.33 -17.64 22.79
N MET B 380 -2.91 -16.48 23.30
CA MET B 380 -3.79 -15.34 23.33
C MET B 380 -3.92 -14.74 21.92
N GLN B 381 -2.81 -14.68 21.21
CA GLN B 381 -2.82 -14.14 19.85
C GLN B 381 -3.65 -15.03 18.92
N LYS B 382 -3.46 -16.34 19.03
CA LYS B 382 -4.18 -17.30 18.20
C LYS B 382 -5.68 -17.26 18.46
N HIS B 383 -6.03 -17.09 19.74
CA HIS B 383 -7.42 -17.02 20.16
C HIS B 383 -8.12 -15.80 19.54
N VAL B 384 -7.48 -14.65 19.62
CA VAL B 384 -8.04 -13.40 19.08
C VAL B 384 -8.08 -13.44 17.54
N ARG B 385 -7.01 -13.92 16.93
CA ARG B 385 -6.90 -14.03 15.48
C ARG B 385 -7.98 -14.99 14.94
N THR B 386 -8.25 -16.07 15.67
CA THR B 386 -9.26 -17.04 15.28
C THR B 386 -10.66 -16.43 15.22
N LEU B 387 -11.01 -15.72 16.28
CA LEU B 387 -12.33 -15.11 16.43
C LEU B 387 -12.68 -13.92 15.56
N TYR B 388 -11.78 -12.95 15.48
CA TYR B 388 -12.06 -11.74 14.73
C TYR B 388 -11.27 -11.51 13.47
N ARG B 389 -10.38 -12.44 13.15
CA ARG B 389 -9.56 -12.35 11.95
C ARG B 389 -9.10 -10.94 11.66
N ASP B 390 -9.54 -10.37 10.54
CA ASP B 390 -9.17 -9.03 10.15
C ASP B 390 -10.40 -8.16 9.92
N PHE B 391 -11.47 -8.46 10.66
CA PHE B 391 -12.71 -7.72 10.51
C PHE B 391 -12.48 -6.24 10.62
N VAL B 392 -11.75 -5.86 11.66
CA VAL B 392 -11.44 -4.47 11.95
C VAL B 392 -9.92 -4.36 12.06
N PRO B 393 -9.36 -3.15 11.88
CA PRO B 393 -7.91 -2.98 11.96
C PRO B 393 -7.33 -2.81 13.37
N HIS B 394 -8.19 -2.65 14.37
CA HIS B 394 -7.72 -2.45 15.75
C HIS B 394 -8.54 -3.24 16.75
N LEU B 395 -7.89 -3.66 17.83
CA LEU B 395 -8.54 -4.41 18.90
C LEU B 395 -9.50 -3.42 19.56
N THR B 396 -10.78 -3.81 19.67
CA THR B 396 -11.79 -2.95 20.26
C THR B 396 -12.07 -3.26 21.72
N LEU B 397 -12.90 -2.44 22.34
CA LEU B 397 -13.29 -2.60 23.73
C LEU B 397 -14.04 -3.91 23.96
N ARG B 398 -14.98 -4.21 23.07
CA ARG B 398 -15.76 -5.44 23.15
C ARG B 398 -14.91 -6.70 23.04
N MET B 399 -13.86 -6.62 22.24
CA MET B 399 -12.96 -7.76 22.09
C MET B 399 -12.14 -7.83 23.38
N LEU B 400 -11.64 -6.68 23.83
CA LEU B 400 -10.82 -6.61 25.04
C LEU B 400 -11.56 -7.09 26.27
N GLU B 401 -12.79 -6.62 26.47
CA GLU B 401 -13.60 -7.02 27.63
C GLU B 401 -13.78 -8.53 27.80
N ARG B 402 -13.80 -9.26 26.70
CA ARG B 402 -14.01 -10.71 26.76
C ARG B 402 -12.77 -11.58 26.81
N LEU B 403 -11.58 -10.98 26.83
CA LEU B 403 -10.36 -11.80 26.86
C LEU B 403 -10.37 -12.62 28.14
N PRO B 404 -10.17 -13.93 28.02
CA PRO B 404 -10.15 -14.85 29.17
C PRO B 404 -8.85 -14.83 29.99
N VAL B 405 -8.98 -14.63 31.30
CA VAL B 405 -7.83 -14.63 32.19
C VAL B 405 -7.87 -15.94 32.97
N ARG B 406 -6.77 -16.68 32.91
CA ARG B 406 -6.65 -17.93 33.65
C ARG B 406 -6.78 -17.54 35.12
N ARG B 407 -7.60 -18.26 35.88
CA ARG B 407 -7.83 -17.95 37.30
C ARG B 407 -6.62 -17.88 38.23
N GLU B 408 -5.45 -18.31 37.74
CA GLU B 408 -4.24 -18.27 38.54
C GLU B 408 -3.37 -17.03 38.37
N TYR B 409 -3.84 -16.04 37.60
CA TYR B 409 -3.07 -14.80 37.44
C TYR B 409 -3.81 -13.62 38.08
N GLY B 410 -5.12 -13.74 38.20
CA GLY B 410 -5.94 -12.69 38.80
C GLY B 410 -7.28 -13.27 39.20
N PHE B 411 -7.84 -12.78 40.31
CA PHE B 411 -9.11 -13.28 40.79
C PHE B 411 -9.77 -12.29 41.74
N HIS B 412 -11.09 -12.37 41.82
CA HIS B 412 -11.85 -11.48 42.69
C HIS B 412 -12.62 -12.33 43.70
N THR B 413 -12.22 -12.24 44.97
CA THR B 413 -12.88 -12.98 46.05
C THR B 413 -12.79 -12.20 47.37
#